data_5CJS
#
_entry.id   5CJS
#
_cell.length_a   110.869
_cell.length_b   110.869
_cell.length_c   359.161
_cell.angle_alpha   90.00
_cell.angle_beta   90.00
_cell.angle_gamma   120.00
#
_symmetry.space_group_name_H-M   'P 32 2 1'
#
loop_
_entity.id
_entity.type
_entity.pdbx_description
1 polymer 'CR9114 light chain'
2 polymer 'CR9114 heavy chain'
3 polymer 'Designed influenza hemagglutinin stem #4454, HA1'
4 polymer 'Designed influenza hemagglutinin stem #4454, HA2'
5 non-polymer 2-acetamido-2-deoxy-beta-D-glucopyranose
#
loop_
_entity_poly.entity_id
_entity_poly.type
_entity_poly.pdbx_seq_one_letter_code
_entity_poly.pdbx_strand_id
1 'polypeptide(L)'
;SALTQPPAVSGTPGQRVTISCSGSDSNIGRRSVNWYQQFPGTAPKLLIYSNDQRPSVVPDRFSGSKSGTSASLAISGLQS
EDEAEYYCAAWDDSLKGAVFGGGTQLTVLGQPKAAPSVTLFPPSSEELQANKATLVCLISDFYPGAVTVAWKADSSPVKA
GVETTTPSKQSNNKYAASSYLSLTPEQWKSHRSYSCQVTHEGSTVEKTVAPTECS
;
L,E
2 'polypeptide(L)'
;QVQLVQSGAEVKKPGSSVKVSCKSSGGTSNNYAISWVRQAPGQGLDWMGGISPIFGSTAYAQKFQGRVTISADIFSNTAY
MELNSLTSEDTAVYFCARHGNYYYYSGMDVWGQGTTVTVSSASTKGPSVFPLAPSSKSTSGGTAALGCLVKDYFPEPVTV
SWNSGALTSGVHTFPAVLQSSGLYSLSSVVTVPSSSLGTQTYICNVNHKPSNTKVDKRVEPKSCHHHHHH
;
H,F
3 'polypeptide(L)' DTICIGYHANNSTDTVDTVLEKNVTVTHSVNLLENGGGGKYVCSAKLRMVTGLRNKPSKQSQ C,J
4 'polypeptide(L)'
;GLFGAIAGFTEGGWTGMVDGWYGYHHQNEQGSGYAADQKSTQNAINGITNKVNSVIEKMNTQYTAIGKEYNKSERMKQIE
DKIEEIESKQIWCYNAELLVLLENERTLDFHDSNVKNLYEKVKSQLKNNAKEIGNGCFEFYHKCNDECMESVKNGTYDYP
KYSEESKLNREKIDGRSLVPRGSPGHHHHHH
;
D,K
#
# COMPACT_ATOMS: atom_id res chain seq x y z
N SER A 1 -0.32 -35.14 41.54
CA SER A 1 -0.25 -33.69 41.37
C SER A 1 1.19 -33.16 41.38
N ALA A 2 1.51 -32.38 40.36
CA ALA A 2 2.87 -31.89 40.11
C ALA A 2 3.25 -30.92 41.22
N LEU A 3 2.23 -30.35 41.84
CA LEU A 3 2.40 -29.32 42.87
C LEU A 3 1.83 -29.86 44.16
N THR A 4 2.56 -29.62 45.24
CA THR A 4 2.24 -30.21 46.53
C THR A 4 1.66 -29.18 47.48
N GLN A 5 0.43 -29.43 47.92
CA GLN A 5 -0.24 -28.53 48.83
C GLN A 5 -0.77 -29.25 50.04
N PRO A 6 -0.76 -28.57 51.20
CA PRO A 6 -1.39 -29.16 52.37
C PRO A 6 -2.90 -29.25 52.17
N PRO A 7 -3.53 -30.36 52.61
CA PRO A 7 -4.96 -30.64 52.46
C PRO A 7 -5.79 -29.58 53.16
N ALA A 8 -5.32 -29.14 54.33
CA ALA A 8 -6.04 -28.16 55.13
C ALA A 8 -5.12 -27.34 56.03
N VAL A 9 -5.52 -26.09 56.23
CA VAL A 9 -4.90 -25.20 57.21
C VAL A 9 -5.99 -24.56 58.06
N SER A 10 -5.61 -24.11 59.25
CA SER A 10 -6.58 -23.47 60.12
C SER A 10 -5.99 -22.23 60.76
N GLY A 11 -6.86 -21.28 61.10
CA GLY A 11 -6.43 -20.09 61.80
C GLY A 11 -7.57 -19.44 62.57
N THR A 12 -7.23 -18.72 63.63
CA THR A 12 -8.23 -17.93 64.32
C THR A 12 -8.23 -16.52 63.71
N PRO A 13 -9.32 -15.77 63.90
CA PRO A 13 -9.37 -14.43 63.30
C PRO A 13 -8.20 -13.58 63.79
N GLY A 14 -7.59 -12.76 62.94
CA GLY A 14 -6.50 -11.92 63.40
C GLY A 14 -5.10 -12.52 63.28
N GLN A 15 -5.03 -13.81 62.98
CA GLN A 15 -3.75 -14.50 62.84
C GLN A 15 -3.12 -14.35 61.48
N ARG A 16 -1.84 -14.65 61.41
CA ARG A 16 -1.18 -14.69 60.13
C ARG A 16 -1.00 -16.16 59.88
N VAL A 17 -1.39 -16.64 58.71
CA VAL A 17 -1.23 -18.01 58.35
C VAL A 17 -0.54 -18.16 57.01
N THR A 18 0.14 -19.29 56.79
CA THR A 18 0.88 -19.52 55.53
C THR A 18 0.56 -20.84 54.84
N ILE A 19 0.49 -20.78 53.51
CA ILE A 19 0.23 -21.95 52.65
C ILE A 19 1.41 -22.24 51.73
N SER A 20 1.80 -23.50 51.71
CA SER A 20 2.97 -23.98 50.98
C SER A 20 2.67 -24.64 49.64
N CYS A 21 3.66 -24.56 48.75
CA CYS A 21 3.61 -25.20 47.45
C CYS A 21 4.97 -25.78 47.23
N SER A 22 5.00 -27.09 47.04
CA SER A 22 6.26 -27.76 46.79
C SER A 22 6.29 -28.28 45.37
N GLY A 23 7.30 -27.86 44.62
CA GLY A 23 7.45 -28.30 43.25
C GLY A 23 8.82 -28.88 43.00
N SER A 24 9.12 -29.09 41.73
CA SER A 24 10.45 -29.48 41.31
C SER A 24 11.03 -28.36 40.47
N ASP A 25 12.21 -28.57 39.90
CA ASP A 25 12.87 -27.54 39.11
C ASP A 25 12.14 -27.28 37.78
N SER A 26 11.46 -28.29 37.26
CA SER A 26 10.78 -28.19 35.97
C SER A 26 9.65 -27.14 35.94
N ASN A 27 9.00 -26.91 37.07
CA ASN A 27 7.93 -25.91 37.16
C ASN A 27 8.31 -24.63 37.92
N ILE A 28 8.06 -24.60 39.24
CA ILE A 28 8.31 -23.42 40.06
C ILE A 28 9.73 -22.90 39.92
N GLY A 29 10.65 -23.85 39.79
CA GLY A 29 12.07 -23.60 39.69
C GLY A 29 12.44 -22.69 38.55
N ARG A 30 11.69 -22.86 37.45
CA ARG A 30 11.89 -22.11 36.22
C ARG A 30 10.70 -21.23 35.77
N ARG A 31 9.61 -21.25 36.54
CA ARG A 31 8.40 -20.54 36.11
C ARG A 31 7.83 -19.62 37.19
N SER A 32 7.00 -18.67 36.76
CA SER A 32 6.35 -17.75 37.69
C SER A 32 5.22 -18.49 38.37
N VAL A 33 4.81 -18.02 39.54
CA VAL A 33 3.77 -18.69 40.31
C VAL A 33 2.47 -17.90 40.40
N ASN A 34 1.33 -18.57 40.19
CA ASN A 34 0.03 -17.94 40.38
C ASN A 34 -0.73 -18.61 41.52
N TRP A 35 -1.52 -17.81 42.24
CA TRP A 35 -2.36 -18.30 43.34
C TRP A 35 -3.83 -18.02 43.09
N TYR A 36 -4.68 -18.99 43.36
CA TYR A 36 -6.11 -18.84 43.10
C TYR A 36 -6.96 -19.00 44.36
N GLN A 37 -8.08 -18.28 44.40
CA GLN A 37 -9.01 -18.34 45.52
C GLN A 37 -10.35 -18.81 45.02
N GLN A 38 -10.88 -19.83 45.68
CA GLN A 38 -12.17 -20.36 45.30
C GLN A 38 -13.19 -20.50 46.39
N PHE A 39 -14.39 -19.96 46.18
CA PHE A 39 -15.44 -20.20 47.16
C PHE A 39 -16.18 -21.41 46.61
N PRO A 40 -16.80 -22.21 47.49
CA PRO A 40 -17.48 -23.46 47.11
C PRO A 40 -18.55 -23.32 46.03
N GLY A 41 -18.52 -24.16 44.99
CA GLY A 41 -19.58 -24.13 44.01
C GLY A 41 -19.50 -22.96 43.04
N THR A 42 -18.41 -22.20 43.14
CA THR A 42 -18.23 -21.02 42.31
C THR A 42 -16.89 -21.11 41.58
N ALA A 43 -16.72 -20.29 40.55
CA ALA A 43 -15.47 -20.29 39.81
C ALA A 43 -14.35 -19.68 40.63
N PRO A 44 -13.10 -20.09 40.31
CA PRO A 44 -11.90 -19.58 40.97
C PRO A 44 -11.62 -18.12 40.64
N LYS A 45 -10.84 -17.47 41.51
CA LYS A 45 -10.44 -16.09 41.33
C LYS A 45 -8.91 -16.01 41.40
N LEU A 46 -8.29 -15.15 40.60
CA LEU A 46 -6.84 -15.00 40.63
C LEU A 46 -6.37 -14.12 41.80
N LEU A 47 -5.51 -14.67 42.66
CA LEU A 47 -5.05 -13.98 43.87
C LEU A 47 -3.66 -13.36 43.78
N ILE A 48 -2.72 -14.14 43.28
CA ILE A 48 -1.35 -13.71 43.16
C ILE A 48 -0.87 -14.19 41.81
N TYR A 49 -0.03 -13.41 41.13
CA TYR A 49 0.49 -13.85 39.86
C TYR A 49 1.95 -13.45 39.79
N SER A 50 2.72 -14.14 38.96
CA SER A 50 4.13 -13.83 38.82
C SER A 50 4.80 -13.82 40.20
N ASN A 51 4.47 -14.81 41.03
CA ASN A 51 5.07 -15.01 42.35
C ASN A 51 4.58 -14.04 43.43
N ASP A 52 4.74 -12.73 43.22
CA ASP A 52 4.42 -11.77 44.28
C ASP A 52 3.45 -10.65 43.92
N GLN A 53 3.09 -10.54 42.64
CA GLN A 53 2.20 -9.48 42.22
C GLN A 53 0.76 -9.71 42.67
N ARG A 54 0.14 -8.63 43.11
CA ARG A 54 -1.21 -8.66 43.66
C ARG A 54 -2.11 -7.72 42.84
N PRO A 55 -3.30 -8.21 42.46
CA PRO A 55 -4.25 -7.36 41.75
C PRO A 55 -4.62 -6.16 42.60
N SER A 56 -5.02 -5.05 41.96
CA SER A 56 -5.32 -3.82 42.68
C SER A 56 -6.42 -3.96 43.73
N VAL A 57 -7.44 -4.76 43.40
CA VAL A 57 -8.61 -4.96 44.25
C VAL A 57 -8.41 -5.86 45.48
N VAL A 58 -7.38 -6.69 45.45
CA VAL A 58 -7.14 -7.67 46.51
C VAL A 58 -6.51 -6.99 47.72
N PRO A 59 -7.04 -7.32 48.92
CA PRO A 59 -6.55 -6.68 50.14
C PRO A 59 -5.06 -6.94 50.31
N ASP A 60 -4.37 -5.97 50.88
CA ASP A 60 -2.93 -5.99 51.02
C ASP A 60 -2.43 -7.11 51.95
N ARG A 61 -3.33 -7.64 52.76
CA ARG A 61 -2.98 -8.68 53.73
C ARG A 61 -2.56 -9.97 53.01
N PHE A 62 -3.01 -10.14 51.77
CA PHE A 62 -2.48 -11.19 50.89
C PHE A 62 -1.13 -10.81 50.31
N SER A 63 -0.18 -11.74 50.41
CA SER A 63 1.13 -11.57 49.81
C SER A 63 1.70 -12.91 49.37
N GLY A 64 2.62 -12.86 48.41
CA GLY A 64 3.20 -14.08 47.89
C GLY A 64 4.71 -14.02 47.94
N SER A 65 5.29 -15.21 47.96
CA SER A 65 6.72 -15.39 47.92
C SER A 65 7.03 -16.67 47.19
N LYS A 66 8.23 -16.75 46.62
CA LYS A 66 8.66 -18.00 46.04
C LYS A 66 10.14 -18.11 46.39
N SER A 67 10.53 -19.31 46.81
CA SER A 67 11.93 -19.63 46.97
C SER A 67 12.22 -21.03 46.48
N GLY A 68 13.20 -21.11 45.58
CA GLY A 68 13.62 -22.37 44.98
C GLY A 68 12.51 -23.02 44.18
N THR A 69 12.11 -24.20 44.63
CA THR A 69 11.03 -24.94 44.00
C THR A 69 9.81 -24.95 44.92
N SER A 70 9.83 -24.07 45.92
CA SER A 70 8.70 -23.98 46.82
C SER A 70 8.20 -22.54 46.88
N ALA A 71 6.91 -22.38 47.13
CA ALA A 71 6.30 -21.07 47.19
C ALA A 71 5.40 -20.95 48.40
N SER A 72 5.18 -19.73 48.87
CA SER A 72 4.35 -19.57 50.03
C SER A 72 3.43 -18.39 49.79
N LEU A 73 2.20 -18.54 50.24
CA LEU A 73 1.19 -17.50 50.20
C LEU A 73 0.88 -17.07 51.61
N ALA A 74 0.95 -15.78 51.90
CA ALA A 74 0.73 -15.36 53.27
C ALA A 74 -0.46 -14.45 53.38
N ILE A 75 -1.35 -14.80 54.30
CA ILE A 75 -2.49 -13.98 54.64
C ILE A 75 -2.38 -13.59 56.10
N SER A 76 -2.10 -12.31 56.34
CA SER A 76 -2.00 -11.78 57.70
C SER A 76 -3.34 -11.18 58.12
N GLY A 77 -3.61 -11.17 59.42
CA GLY A 77 -4.86 -10.63 59.92
C GLY A 77 -6.05 -11.35 59.30
N LEU A 78 -6.09 -12.66 59.50
CA LEU A 78 -7.12 -13.52 58.90
C LEU A 78 -8.55 -13.10 59.27
N GLN A 79 -9.45 -13.16 58.29
CA GLN A 79 -10.85 -12.81 58.45
C GLN A 79 -11.77 -13.97 58.09
N SER A 80 -13.00 -13.92 58.56
CA SER A 80 -13.95 -15.01 58.38
C SER A 80 -14.27 -15.31 56.92
N GLU A 81 -14.32 -14.25 56.11
CA GLU A 81 -14.64 -14.38 54.69
C GLU A 81 -13.57 -15.06 53.83
N ASP A 82 -12.35 -15.19 54.36
CA ASP A 82 -11.25 -15.82 53.62
C ASP A 82 -11.35 -17.33 53.54
N GLU A 83 -12.38 -17.90 54.18
CA GLU A 83 -12.55 -19.34 54.23
C GLU A 83 -12.88 -19.87 52.85
N ALA A 84 -11.96 -20.64 52.28
CA ALA A 84 -12.10 -21.11 50.91
C ALA A 84 -11.02 -22.12 50.55
N GLU A 85 -11.08 -22.60 49.32
CA GLU A 85 -10.07 -23.53 48.82
C GLU A 85 -9.03 -22.75 48.04
N TYR A 86 -7.75 -23.06 48.27
CA TYR A 86 -6.66 -22.34 47.61
C TYR A 86 -5.77 -23.23 46.78
N TYR A 87 -5.53 -22.74 45.57
CA TYR A 87 -4.71 -23.41 44.59
C TYR A 87 -3.52 -22.58 44.17
N CYS A 88 -2.37 -23.23 44.23
CA CYS A 88 -1.17 -22.74 43.62
C CYS A 88 -1.12 -23.23 42.18
N ALA A 89 -0.46 -22.48 41.30
CA ALA A 89 -0.35 -22.93 39.92
C ALA A 89 0.96 -22.43 39.33
N ALA A 90 1.44 -23.15 38.33
CA ALA A 90 2.63 -22.74 37.61
C ALA A 90 2.66 -23.44 36.26
N TRP A 91 3.45 -22.91 35.32
CA TRP A 91 3.68 -23.57 34.05
C TRP A 91 4.72 -24.65 34.27
N ASP A 92 4.58 -25.82 33.65
CA ASP A 92 5.57 -26.89 33.83
C ASP A 92 6.34 -27.12 32.53
N ASP A 93 7.66 -26.96 32.62
CA ASP A 93 8.52 -27.05 31.45
C ASP A 93 8.69 -28.46 30.88
N SER A 94 8.66 -29.48 31.73
CA SER A 94 8.73 -30.85 31.25
C SER A 94 7.44 -31.30 30.57
N LEU A 95 6.32 -30.96 31.20
CA LEU A 95 4.99 -31.29 30.72
C LEU A 95 4.45 -30.39 29.61
N LYS A 96 4.97 -29.17 29.52
CA LYS A 96 4.44 -28.14 28.62
C LYS A 96 2.95 -27.93 28.90
N GLY A 97 2.64 -27.82 30.18
CA GLY A 97 1.28 -27.64 30.62
C GLY A 97 1.25 -26.91 31.95
N ALA A 98 0.11 -26.33 32.27
CA ALA A 98 -0.10 -25.71 33.56
C ALA A 98 -0.38 -26.81 34.56
N VAL A 99 0.14 -26.70 35.77
CA VAL A 99 -0.09 -27.74 36.74
C VAL A 99 -0.67 -27.07 37.96
N PHE A 100 -1.40 -27.86 38.74
CA PHE A 100 -2.08 -27.32 39.90
C PHE A 100 -1.78 -28.14 41.13
N GLY A 101 -1.85 -27.49 42.28
CA GLY A 101 -1.78 -28.20 43.54
C GLY A 101 -3.08 -28.94 43.79
N GLY A 102 -3.03 -29.86 44.74
CA GLY A 102 -4.14 -30.70 45.15
C GLY A 102 -5.28 -29.85 45.69
N GLY A 103 -4.93 -28.63 46.09
CA GLY A 103 -5.88 -27.72 46.71
C GLY A 103 -5.67 -27.70 48.20
N THR A 104 -5.92 -26.53 48.78
CA THR A 104 -5.71 -26.30 50.20
C THR A 104 -6.95 -25.68 50.83
N GLN A 105 -7.43 -26.35 51.86
CA GLN A 105 -8.63 -25.92 52.56
C GLN A 105 -8.31 -25.01 53.74
N LEU A 106 -8.71 -23.75 53.66
CA LEU A 106 -8.46 -22.86 54.78
C LEU A 106 -9.71 -22.78 55.61
N THR A 107 -9.59 -22.94 56.92
CA THR A 107 -10.80 -22.80 57.73
C THR A 107 -10.64 -21.61 58.67
N VAL A 108 -11.61 -20.70 58.66
CA VAL A 108 -11.59 -19.62 59.63
C VAL A 108 -12.63 -19.91 60.69
N LEU A 109 -12.19 -20.42 61.82
CA LEU A 109 -13.11 -20.84 62.85
C LEU A 109 -13.26 -19.77 63.94
N GLY A 110 -14.31 -18.97 63.77
CA GLY A 110 -14.67 -17.84 64.60
C GLY A 110 -15.86 -18.08 65.50
N GLN A 111 -16.15 -19.35 65.74
CA GLN A 111 -17.28 -19.73 66.58
C GLN A 111 -16.72 -20.70 67.62
N PRO A 112 -17.33 -20.73 68.82
CA PRO A 112 -17.00 -21.72 69.86
C PRO A 112 -17.56 -23.10 69.50
N LYS A 113 -17.01 -24.20 70.01
CA LYS A 113 -17.53 -25.52 69.67
C LYS A 113 -19.01 -25.68 69.97
N ALA A 114 -19.69 -26.30 69.03
CA ALA A 114 -21.09 -26.64 69.19
C ALA A 114 -21.20 -28.09 68.76
N ALA A 115 -21.70 -28.91 69.68
CA ALA A 115 -21.88 -30.33 69.43
C ALA A 115 -23.14 -30.44 68.62
N PRO A 116 -23.23 -31.50 67.81
CA PRO A 116 -24.42 -31.54 66.94
C PRO A 116 -25.69 -31.90 67.66
N SER A 117 -26.82 -31.48 67.09
CA SER A 117 -28.07 -32.04 67.54
C SER A 117 -28.41 -33.05 66.47
N VAL A 118 -28.63 -34.27 66.89
CA VAL A 118 -28.95 -35.35 65.97
C VAL A 118 -30.40 -35.75 66.12
N THR A 119 -31.08 -35.91 64.99
CA THR A 119 -32.43 -36.44 65.01
C THR A 119 -32.42 -37.47 63.89
N LEU A 120 -32.84 -38.69 64.21
CA LEU A 120 -32.81 -39.80 63.26
C LEU A 120 -34.20 -40.24 62.88
N PHE A 121 -34.42 -40.40 61.58
CA PHE A 121 -35.70 -40.79 61.02
C PHE A 121 -35.79 -42.22 60.50
N PRO A 122 -36.83 -42.94 60.94
CA PRO A 122 -37.20 -44.26 60.46
C PRO A 122 -37.84 -44.17 59.07
N PRO A 123 -37.84 -45.29 58.32
CA PRO A 123 -38.40 -45.31 56.96
C PRO A 123 -39.86 -44.93 56.92
N SER A 124 -40.28 -44.21 55.89
CA SER A 124 -41.67 -43.82 55.77
C SER A 124 -42.49 -45.04 55.37
N SER A 125 -43.78 -45.04 55.72
CA SER A 125 -44.64 -46.18 55.44
C SER A 125 -44.73 -46.39 53.93
N GLU A 126 -44.81 -45.28 53.19
CA GLU A 126 -44.87 -45.32 51.73
C GLU A 126 -43.67 -46.02 51.11
N GLU A 127 -42.48 -45.71 51.61
CA GLU A 127 -41.22 -46.21 51.04
C GLU A 127 -41.09 -47.72 51.17
N LEU A 128 -41.56 -48.23 52.31
CA LEU A 128 -41.56 -49.65 52.57
C LEU A 128 -42.50 -50.39 51.66
N GLN A 129 -43.62 -49.75 51.39
CA GLN A 129 -44.60 -50.22 50.44
C GLN A 129 -44.00 -50.37 49.04
N ALA A 130 -43.07 -49.48 48.74
CA ALA A 130 -42.28 -49.52 47.51
C ALA A 130 -41.28 -50.67 47.58
N ASN A 131 -41.10 -51.22 48.78
CA ASN A 131 -40.15 -52.32 49.03
C ASN A 131 -38.73 -51.78 49.14
N LYS A 132 -38.64 -50.50 49.49
CA LYS A 132 -37.35 -49.87 49.71
C LYS A 132 -37.33 -49.39 51.16
N ALA A 133 -36.15 -49.32 51.76
CA ALA A 133 -36.02 -48.66 53.06
C ALA A 133 -34.81 -47.77 53.07
N THR A 134 -34.97 -46.56 53.58
CA THR A 134 -33.85 -45.65 53.78
C THR A 134 -33.95 -45.00 55.16
N LEU A 135 -32.82 -44.84 55.82
CA LEU A 135 -32.82 -44.21 57.13
C LEU A 135 -32.17 -42.85 56.95
N VAL A 136 -32.77 -41.82 57.53
CA VAL A 136 -32.20 -40.49 57.37
C VAL A 136 -31.71 -39.90 58.67
N CYS A 137 -30.44 -39.56 58.69
CA CYS A 137 -29.83 -38.95 59.85
C CYS A 137 -29.58 -37.48 59.66
N LEU A 138 -30.14 -36.65 60.53
CA LEU A 138 -29.92 -35.23 60.37
C LEU A 138 -29.10 -34.69 61.50
N ILE A 139 -27.99 -34.09 61.12
CA ILE A 139 -27.04 -33.55 62.06
C ILE A 139 -27.04 -32.06 61.83
N SER A 140 -27.23 -31.29 62.88
CA SER A 140 -27.44 -29.86 62.71
C SER A 140 -26.79 -29.09 63.85
N ASP A 141 -26.57 -27.80 63.62
CA ASP A 141 -26.12 -26.88 64.65
C ASP A 141 -24.82 -27.32 65.33
N PHE A 142 -23.84 -27.74 64.54
CA PHE A 142 -22.53 -28.12 65.07
C PHE A 142 -21.43 -27.25 64.47
N TYR A 143 -20.47 -26.83 65.30
CA TYR A 143 -19.33 -26.10 64.79
C TYR A 143 -18.04 -26.48 65.54
N PRO A 144 -16.92 -26.73 64.84
CA PRO A 144 -16.63 -26.59 63.41
C PRO A 144 -17.31 -27.68 62.58
N GLY A 145 -17.27 -27.49 61.28
CA GLY A 145 -17.95 -28.35 60.35
C GLY A 145 -17.18 -29.56 59.88
N ALA A 146 -16.87 -30.44 60.81
CA ALA A 146 -16.34 -31.73 60.46
C ALA A 146 -16.79 -32.73 61.51
N VAL A 147 -17.43 -33.79 61.02
CA VAL A 147 -17.98 -34.85 61.84
C VAL A 147 -17.75 -36.21 61.18
N THR A 148 -17.86 -37.28 61.96
CA THR A 148 -17.82 -38.63 61.39
C THR A 148 -19.11 -39.38 61.75
N VAL A 149 -19.68 -40.06 60.76
CA VAL A 149 -20.92 -40.81 60.96
C VAL A 149 -20.73 -42.31 60.80
N ALA A 150 -21.18 -43.06 61.81
CA ALA A 150 -21.11 -44.51 61.80
C ALA A 150 -22.48 -45.10 62.00
N TRP A 151 -22.79 -46.18 61.27
CA TRP A 151 -24.12 -46.76 61.34
C TRP A 151 -23.96 -48.12 62.00
N LYS A 152 -24.90 -48.46 62.87
CA LYS A 152 -24.90 -49.75 63.52
C LYS A 152 -26.20 -50.49 63.23
N ALA A 153 -26.06 -51.79 63.04
CA ALA A 153 -27.17 -52.72 63.00
C ALA A 153 -27.17 -53.48 64.31
N ASP A 154 -28.30 -53.42 64.99
CA ASP A 154 -28.43 -53.87 66.37
C ASP A 154 -27.41 -53.07 67.17
N SER A 155 -26.38 -53.74 67.67
CA SER A 155 -25.27 -53.02 68.29
C SER A 155 -23.99 -53.24 67.49
N SER A 156 -24.14 -53.82 66.30
CA SER A 156 -23.00 -54.10 65.44
C SER A 156 -22.96 -53.15 64.23
N PRO A 157 -21.77 -52.62 63.93
CA PRO A 157 -21.49 -51.65 62.85
C PRO A 157 -21.66 -52.20 61.45
N VAL A 158 -22.28 -51.41 60.59
CA VAL A 158 -22.54 -51.86 59.25
C VAL A 158 -21.95 -50.80 58.33
N LYS A 159 -21.49 -51.18 57.14
CA LYS A 159 -21.04 -50.21 56.13
C LYS A 159 -21.66 -50.28 54.75
N ALA A 160 -22.36 -51.35 54.40
CA ALA A 160 -22.96 -51.38 53.07
C ALA A 160 -24.13 -50.39 53.08
N GLY A 161 -24.29 -49.63 52.01
CA GLY A 161 -25.44 -48.76 51.84
C GLY A 161 -25.29 -47.42 52.55
N VAL A 162 -24.12 -47.16 53.14
CA VAL A 162 -23.97 -45.92 53.89
C VAL A 162 -23.47 -44.89 52.89
N GLU A 163 -24.23 -43.82 52.73
CA GLU A 163 -23.84 -42.74 51.86
C GLU A 163 -24.02 -41.42 52.60
N THR A 164 -22.97 -40.64 52.74
CA THR A 164 -22.99 -39.48 53.61
C THR A 164 -22.62 -38.17 52.91
N THR A 165 -23.47 -37.15 53.04
CA THR A 165 -23.19 -35.83 52.46
C THR A 165 -22.16 -35.08 53.29
N THR A 166 -21.48 -34.16 52.63
CA THR A 166 -20.56 -33.21 53.25
C THR A 166 -21.18 -32.00 53.94
N PRO A 167 -20.50 -31.48 54.98
CA PRO A 167 -21.01 -30.39 55.80
C PRO A 167 -21.39 -29.17 54.96
N SER A 168 -22.44 -28.47 55.35
CA SER A 168 -22.85 -27.26 54.65
C SER A 168 -23.19 -26.23 55.71
N LYS A 169 -22.97 -24.94 55.45
CA LYS A 169 -23.36 -24.01 56.50
C LYS A 169 -24.78 -23.47 56.53
N GLN A 170 -25.21 -23.28 57.76
CA GLN A 170 -26.52 -22.81 58.20
C GLN A 170 -26.73 -21.32 57.99
N SER A 171 -27.81 -20.79 58.55
CA SER A 171 -28.07 -19.36 58.52
C SER A 171 -27.28 -18.80 59.71
N ASN A 172 -27.37 -19.53 60.82
CA ASN A 172 -26.67 -19.18 62.05
C ASN A 172 -25.20 -19.60 62.06
N ASN A 173 -24.64 -19.84 60.88
CA ASN A 173 -23.21 -20.12 60.69
C ASN A 173 -22.73 -21.50 61.11
N LYS A 174 -23.62 -22.31 61.68
CA LYS A 174 -23.16 -23.61 62.10
C LYS A 174 -23.23 -24.52 60.90
N TYR A 175 -22.68 -25.72 61.00
CA TYR A 175 -22.69 -26.57 59.84
C TYR A 175 -23.78 -27.61 60.06
N ALA A 176 -24.25 -28.22 58.99
CA ALA A 176 -25.25 -29.27 59.12
C ALA A 176 -24.89 -30.34 58.10
N ALA A 177 -25.24 -31.58 58.41
CA ALA A 177 -25.01 -32.68 57.49
C ALA A 177 -26.07 -33.76 57.61
N SER A 178 -26.14 -34.62 56.59
CA SER A 178 -27.08 -35.72 56.55
C SER A 178 -26.40 -37.02 56.13
N SER A 179 -26.83 -38.13 56.73
CA SER A 179 -26.37 -39.46 56.32
C SER A 179 -27.51 -40.46 56.11
N TYR A 180 -27.34 -41.32 55.11
CA TYR A 180 -28.37 -42.27 54.74
C TYR A 180 -27.89 -43.71 54.78
N LEU A 181 -28.71 -44.58 55.35
CA LEU A 181 -28.44 -46.00 55.29
C LEU A 181 -29.55 -46.65 54.48
N SER A 182 -29.21 -47.22 53.33
CA SER A 182 -30.22 -47.80 52.45
C SER A 182 -30.42 -49.25 52.88
N LEU A 183 -31.67 -49.65 53.07
CA LEU A 183 -31.95 -51.01 53.51
C LEU A 183 -33.05 -51.70 52.71
N THR A 184 -32.97 -53.03 52.66
CA THR A 184 -34.09 -53.86 52.24
C THR A 184 -35.03 -53.99 53.43
N PRO A 185 -36.34 -54.07 53.18
CA PRO A 185 -37.29 -54.06 54.30
C PRO A 185 -37.08 -55.19 55.32
N GLU A 186 -36.71 -56.38 54.85
CA GLU A 186 -36.45 -57.51 55.74
C GLU A 186 -35.29 -57.23 56.70
N GLN A 187 -34.23 -56.60 56.19
CA GLN A 187 -33.07 -56.26 57.01
C GLN A 187 -33.49 -55.33 58.13
N TRP A 188 -34.32 -54.36 57.77
CA TRP A 188 -34.85 -53.38 58.70
C TRP A 188 -35.77 -54.02 59.74
N LYS A 189 -36.68 -54.88 59.31
CA LYS A 189 -37.58 -55.56 60.23
C LYS A 189 -36.81 -56.49 61.19
N SER A 190 -35.81 -57.21 60.67
CA SER A 190 -35.08 -58.23 61.44
C SER A 190 -34.25 -57.75 62.64
N HIS A 191 -33.33 -56.81 62.46
CA HIS A 191 -32.53 -56.42 63.61
C HIS A 191 -33.39 -55.53 64.53
N ARG A 192 -33.21 -55.73 65.84
CA ARG A 192 -33.97 -55.07 66.88
C ARG A 192 -33.78 -53.57 66.94
N SER A 193 -32.56 -53.09 66.77
CA SER A 193 -32.36 -51.65 66.74
C SER A 193 -31.33 -51.25 65.69
N TYR A 194 -31.43 -50.02 65.25
CA TYR A 194 -30.42 -49.45 64.37
C TYR A 194 -29.99 -48.15 64.97
N SER A 195 -28.72 -47.82 64.89
CA SER A 195 -28.27 -46.65 65.58
C SER A 195 -27.47 -45.85 64.61
N CYS A 196 -27.43 -44.55 64.82
CA CYS A 196 -26.60 -43.71 64.01
C CYS A 196 -25.63 -43.05 64.95
N GLN A 197 -24.35 -43.23 64.69
CA GLN A 197 -23.34 -42.66 65.54
C GLN A 197 -22.60 -41.53 64.87
N VAL A 198 -22.75 -40.33 65.44
CA VAL A 198 -22.11 -39.12 64.91
C VAL A 198 -20.99 -38.70 65.84
N THR A 199 -19.79 -38.47 65.31
CA THR A 199 -18.68 -38.06 66.15
C THR A 199 -18.18 -36.67 65.74
N HIS A 200 -18.21 -35.76 66.69
CA HIS A 200 -17.77 -34.39 66.45
C HIS A 200 -16.76 -33.99 67.50
N GLU A 201 -15.54 -33.70 67.02
CA GLU A 201 -14.45 -33.29 67.88
C GLU A 201 -14.19 -34.28 69.02
N GLY A 202 -14.31 -35.57 68.72
CA GLY A 202 -14.05 -36.62 69.70
C GLY A 202 -15.18 -37.05 70.63
N SER A 203 -16.37 -36.49 70.44
CA SER A 203 -17.54 -36.82 71.25
C SER A 203 -18.64 -37.45 70.41
N THR A 204 -19.17 -38.60 70.84
CA THR A 204 -20.12 -39.34 70.02
C THR A 204 -21.55 -39.11 70.50
N VAL A 205 -22.42 -38.77 69.56
CA VAL A 205 -23.86 -38.64 69.77
C VAL A 205 -24.61 -39.72 68.99
N GLU A 206 -25.59 -40.32 69.64
CA GLU A 206 -26.37 -41.41 69.06
C GLU A 206 -27.91 -41.31 69.16
N LYS A 207 -28.57 -41.73 68.09
CA LYS A 207 -30.02 -41.87 68.06
C LYS A 207 -30.27 -43.27 67.51
N THR A 208 -31.35 -43.88 67.99
CA THR A 208 -31.68 -45.24 67.62
C THR A 208 -33.16 -45.38 67.27
N VAL A 209 -33.48 -46.18 66.26
CA VAL A 209 -34.88 -46.51 65.98
C VAL A 209 -35.14 -48.00 65.85
N ALA A 210 -36.33 -48.43 66.22
CA ALA A 210 -36.72 -49.82 66.13
C ALA A 210 -38.03 -49.96 65.37
N PRO A 211 -38.21 -51.08 64.64
CA PRO A 211 -39.50 -51.36 63.99
C PRO A 211 -40.58 -51.76 64.99
N GLN B 1 -16.32 -3.50 30.26
CA GLN B 1 -15.78 -4.67 30.96
C GLN B 1 -16.06 -5.95 30.18
N VAL B 2 -15.05 -6.82 30.10
CA VAL B 2 -15.21 -8.09 29.40
C VAL B 2 -15.92 -9.15 30.27
N GLN B 3 -16.78 -9.97 29.66
CA GLN B 3 -17.36 -11.11 30.36
C GLN B 3 -17.36 -12.44 29.56
N LEU B 4 -17.10 -13.55 30.26
CA LEU B 4 -17.10 -14.88 29.63
C LEU B 4 -18.41 -15.64 29.83
N VAL B 5 -19.06 -16.01 28.74
CA VAL B 5 -20.33 -16.71 28.81
C VAL B 5 -20.29 -18.13 28.20
N GLN B 6 -20.50 -19.14 29.03
CA GLN B 6 -20.42 -20.54 28.66
C GLN B 6 -21.78 -21.14 28.34
N SER B 7 -21.81 -22.21 27.56
CA SER B 7 -23.06 -22.87 27.22
C SER B 7 -23.57 -23.49 28.55
N GLY B 8 -24.85 -23.86 28.60
CA GLY B 8 -25.41 -24.41 29.82
C GLY B 8 -24.85 -25.79 30.04
N ALA B 9 -25.20 -26.36 31.18
CA ALA B 9 -24.67 -27.65 31.60
C ALA B 9 -25.07 -28.75 30.62
N GLU B 10 -24.19 -29.74 30.45
CA GLU B 10 -24.47 -30.80 29.51
C GLU B 10 -24.43 -32.16 30.23
N VAL B 11 -25.25 -33.11 29.80
CA VAL B 11 -25.13 -34.51 30.22
C VAL B 11 -25.10 -35.54 29.10
N LYS B 12 -24.07 -36.41 29.09
CA LYS B 12 -23.91 -37.36 27.99
C LYS B 12 -23.63 -38.79 28.47
N LYS B 13 -24.03 -39.79 27.68
CA LYS B 13 -23.70 -41.18 27.97
C LYS B 13 -22.24 -41.35 27.59
N PRO B 14 -21.52 -42.27 28.27
CA PRO B 14 -20.10 -42.46 27.95
C PRO B 14 -19.81 -42.80 26.49
N GLY B 15 -18.64 -42.34 26.05
CA GLY B 15 -18.12 -42.54 24.70
C GLY B 15 -18.59 -41.57 23.62
N SER B 16 -19.61 -40.79 23.88
CA SER B 16 -20.06 -39.78 22.92
C SER B 16 -19.14 -38.58 23.16
N SER B 17 -19.38 -37.48 22.48
CA SER B 17 -18.51 -36.33 22.69
C SER B 17 -19.34 -35.11 23.03
N VAL B 18 -18.73 -34.15 23.72
CA VAL B 18 -19.47 -32.96 24.07
C VAL B 18 -18.60 -31.76 23.74
N LYS B 19 -19.25 -30.73 23.22
CA LYS B 19 -18.54 -29.53 22.87
C LYS B 19 -19.12 -28.37 23.72
N VAL B 20 -18.23 -27.64 24.37
CA VAL B 20 -18.62 -26.59 25.30
C VAL B 20 -18.14 -25.27 24.71
N SER B 21 -18.98 -24.24 24.82
CA SER B 21 -18.69 -22.96 24.21
C SER B 21 -18.38 -21.88 25.21
N CYS B 22 -17.52 -20.95 24.78
CA CYS B 22 -17.21 -19.75 25.54
C CYS B 22 -17.21 -18.42 24.83
N LYS B 23 -18.23 -17.62 25.12
CA LYS B 23 -18.38 -16.34 24.46
C LYS B 23 -17.78 -15.16 25.22
N SER B 24 -16.97 -14.35 24.55
CA SER B 24 -16.46 -13.14 25.20
C SER B 24 -17.48 -12.03 25.01
N SER B 25 -18.28 -11.75 26.04
CA SER B 25 -19.36 -10.78 25.90
C SER B 25 -18.97 -9.41 26.47
N GLY B 26 -19.24 -8.33 25.72
CA GLY B 26 -18.82 -7.01 26.17
C GLY B 26 -17.46 -6.54 25.72
N GLY B 27 -16.87 -7.28 24.80
CA GLY B 27 -15.56 -6.93 24.27
C GLY B 27 -15.01 -8.15 23.57
N THR B 28 -13.78 -8.06 23.08
CA THR B 28 -13.17 -9.20 22.44
C THR B 28 -12.12 -9.81 23.36
N SER B 29 -11.81 -11.07 23.16
CA SER B 29 -10.72 -11.67 23.89
C SER B 29 -9.70 -12.24 22.92
N ASN B 30 -9.84 -11.89 21.64
CA ASN B 30 -9.00 -12.47 20.59
C ASN B 30 -7.52 -12.21 20.84
N ASN B 31 -7.25 -11.08 21.50
CA ASN B 31 -5.91 -10.66 21.84
C ASN B 31 -5.38 -11.27 23.15
N TYR B 32 -6.16 -12.18 23.71
CA TYR B 32 -5.77 -12.90 24.92
C TYR B 32 -5.61 -14.40 24.76
N ALA B 33 -4.83 -15.03 25.62
CA ALA B 33 -4.82 -16.50 25.65
C ALA B 33 -5.97 -16.96 26.54
N ILE B 34 -6.68 -17.99 26.10
CA ILE B 34 -7.75 -18.59 26.89
C ILE B 34 -7.54 -20.08 27.16
N SER B 35 -7.77 -20.51 28.40
CA SER B 35 -7.56 -21.90 28.78
C SER B 35 -8.85 -22.56 29.21
N TRP B 36 -8.88 -23.89 29.12
CA TRP B 36 -10.01 -24.64 29.62
C TRP B 36 -9.46 -25.42 30.78
N VAL B 37 -10.12 -25.30 31.92
CA VAL B 37 -9.66 -25.94 33.12
C VAL B 37 -10.85 -26.65 33.70
N ARG B 38 -10.61 -27.86 34.17
CA ARG B 38 -11.68 -28.65 34.64
C ARG B 38 -11.49 -28.96 36.11
N GLN B 39 -12.61 -29.03 36.78
CA GLN B 39 -12.68 -29.40 38.17
C GLN B 39 -13.60 -30.55 38.30
N ALA B 40 -13.04 -31.65 38.74
CA ALA B 40 -13.84 -32.81 38.97
C ALA B 40 -14.48 -32.43 40.29
N PRO B 41 -15.65 -33.02 40.61
CA PRO B 41 -16.36 -32.61 41.83
C PRO B 41 -15.52 -32.77 43.10
N GLY B 42 -15.32 -31.68 43.84
CA GLY B 42 -14.50 -31.75 45.04
C GLY B 42 -13.04 -32.10 44.82
N GLN B 43 -12.51 -31.72 43.66
CA GLN B 43 -11.14 -32.08 43.29
C GLN B 43 -10.36 -30.85 42.88
N GLY B 44 -9.06 -31.02 42.72
CA GLY B 44 -8.27 -29.87 42.35
C GLY B 44 -8.49 -29.49 40.91
N LEU B 45 -7.94 -28.34 40.53
CA LEU B 45 -7.97 -27.88 39.17
C LEU B 45 -7.07 -28.67 38.24
N ASP B 46 -7.54 -28.87 37.02
CA ASP B 46 -6.80 -29.65 36.03
C ASP B 46 -6.80 -28.93 34.68
N TRP B 47 -5.60 -28.63 34.18
CA TRP B 47 -5.45 -27.94 32.91
C TRP B 47 -5.71 -28.90 31.76
N MET B 48 -6.57 -28.51 30.84
CA MET B 48 -6.83 -29.33 29.66
C MET B 48 -6.07 -28.84 28.45
N GLY B 49 -5.94 -27.52 28.33
CA GLY B 49 -5.33 -26.93 27.15
C GLY B 49 -5.81 -25.51 26.98
N GLY B 50 -5.38 -24.86 25.92
CA GLY B 50 -5.70 -23.47 25.71
C GLY B 50 -5.58 -23.04 24.26
N ILE B 51 -6.13 -21.87 23.96
CA ILE B 51 -6.02 -21.31 22.62
C ILE B 51 -5.81 -19.79 22.64
N SER B 52 -4.92 -19.32 21.78
CA SER B 52 -4.70 -17.89 21.58
C SER B 52 -4.85 -17.55 20.11
N PRO B 53 -6.04 -17.07 19.71
CA PRO B 53 -6.53 -17.01 18.32
C PRO B 53 -5.69 -16.09 17.41
N ILE B 54 -5.30 -14.91 17.86
CA ILE B 54 -4.51 -14.00 17.04
C ILE B 54 -3.06 -14.44 16.97
N PHE B 55 -2.58 -14.94 18.10
CA PHE B 55 -1.22 -15.44 18.19
C PHE B 55 -1.05 -16.65 17.27
N GLY B 56 -2.08 -17.49 17.18
CA GLY B 56 -2.03 -18.62 16.28
C GLY B 56 -1.73 -19.92 16.99
N SER B 57 -1.95 -19.93 18.29
CA SER B 57 -1.67 -21.10 19.10
C SER B 57 -2.84 -21.95 19.56
N THR B 58 -2.64 -23.25 19.46
CA THR B 58 -3.52 -24.22 20.08
C THR B 58 -2.66 -25.18 20.89
N ALA B 59 -2.93 -25.26 22.18
CA ALA B 59 -2.06 -26.01 23.06
C ALA B 59 -2.81 -27.11 23.82
N TYR B 60 -2.13 -28.20 24.12
CA TYR B 60 -2.76 -29.31 24.84
C TYR B 60 -1.96 -29.83 26.02
N ALA B 61 -2.69 -30.24 27.07
CA ALA B 61 -2.05 -30.94 28.16
C ALA B 61 -1.64 -32.26 27.55
N GLN B 62 -0.56 -32.84 28.06
CA GLN B 62 -0.06 -34.08 27.48
C GLN B 62 -1.10 -35.19 27.67
N LYS B 63 -1.69 -35.18 28.85
CA LYS B 63 -2.69 -36.18 29.22
C LYS B 63 -4.00 -36.12 28.43
N PHE B 64 -4.43 -34.93 28.05
CA PHE B 64 -5.69 -34.81 27.32
C PHE B 64 -5.46 -34.80 25.80
N GLN B 65 -4.21 -34.99 25.39
CA GLN B 65 -3.83 -34.99 23.97
C GLN B 65 -4.44 -36.10 23.12
N GLY B 66 -4.98 -35.74 21.96
CA GLY B 66 -5.50 -36.72 21.04
C GLY B 66 -6.96 -37.02 21.31
N ARG B 67 -7.46 -36.52 22.44
CA ARG B 67 -8.83 -36.76 22.85
C ARG B 67 -9.65 -35.47 22.87
N VAL B 68 -8.98 -34.33 22.87
CA VAL B 68 -9.65 -33.04 23.00
C VAL B 68 -9.35 -32.20 21.75
N THR B 69 -10.35 -31.44 21.31
CA THR B 69 -10.15 -30.55 20.19
C THR B 69 -10.59 -29.16 20.60
N ILE B 70 -9.61 -28.28 20.75
CA ILE B 70 -9.85 -26.92 21.16
C ILE B 70 -9.73 -26.05 19.93
N SER B 71 -10.76 -25.26 19.71
CA SER B 71 -10.88 -24.45 18.53
C SER B 71 -11.41 -23.09 18.92
N ALA B 72 -11.21 -22.09 18.06
CA ALA B 72 -11.63 -20.75 18.39
C ALA B 72 -12.20 -20.05 17.17
N ASP B 73 -12.95 -18.99 17.40
CA ASP B 73 -13.55 -18.21 16.33
C ASP B 73 -13.39 -16.72 16.63
N ILE B 74 -12.59 -16.01 15.84
CA ILE B 74 -12.30 -14.60 16.12
C ILE B 74 -13.48 -13.64 15.92
N PHE B 75 -14.37 -13.93 14.98
CA PHE B 75 -15.55 -13.08 14.71
C PHE B 75 -16.52 -13.06 15.87
N SER B 76 -16.78 -14.22 16.46
CA SER B 76 -17.78 -14.31 17.51
C SER B 76 -17.20 -14.17 18.91
N ASN B 77 -15.87 -14.01 19.02
CA ASN B 77 -15.24 -13.94 20.34
C ASN B 77 -15.53 -15.17 21.17
N THR B 78 -15.58 -16.31 20.50
CA THR B 78 -15.95 -17.56 21.16
C THR B 78 -14.91 -18.64 21.02
N ALA B 79 -14.67 -19.31 22.14
CA ALA B 79 -13.70 -20.40 22.22
C ALA B 79 -14.44 -21.70 22.49
N TYR B 80 -13.93 -22.79 21.94
CA TYR B 80 -14.61 -24.06 22.07
C TYR B 80 -13.71 -25.12 22.65
N MET B 81 -14.33 -26.01 23.41
CA MET B 81 -13.63 -27.15 23.94
C MET B 81 -14.50 -28.32 23.57
N GLU B 82 -13.86 -29.36 23.07
CA GLU B 82 -14.56 -30.53 22.63
C GLU B 82 -13.88 -31.69 23.27
N LEU B 83 -14.61 -32.55 23.94
CA LEU B 83 -13.92 -33.64 24.57
C LEU B 83 -14.52 -34.85 23.91
N ASN B 84 -13.71 -35.88 23.73
CA ASN B 84 -14.15 -37.02 22.95
C ASN B 84 -13.96 -38.26 23.80
N SER B 85 -14.63 -39.34 23.42
CA SER B 85 -14.51 -40.63 24.11
C SER B 85 -14.79 -40.38 25.58
N LEU B 86 -15.92 -39.76 25.86
CA LEU B 86 -16.29 -39.42 27.23
C LEU B 86 -16.42 -40.67 28.10
N THR B 87 -15.98 -40.57 29.35
CA THR B 87 -16.27 -41.64 30.31
C THR B 87 -16.80 -41.01 31.58
N SER B 88 -17.15 -41.86 32.55
CA SER B 88 -17.70 -41.37 33.81
C SER B 88 -16.66 -40.47 34.49
N GLU B 89 -15.40 -40.81 34.28
CA GLU B 89 -14.29 -40.08 34.83
C GLU B 89 -14.16 -38.66 34.28
N ASP B 90 -14.82 -38.39 33.15
CA ASP B 90 -14.77 -37.06 32.53
C ASP B 90 -15.85 -36.17 33.13
N THR B 91 -16.65 -36.73 34.03
CA THR B 91 -17.69 -35.96 34.71
C THR B 91 -16.99 -34.92 35.58
N ALA B 92 -17.36 -33.65 35.41
CA ALA B 92 -16.69 -32.56 36.08
C ALA B 92 -17.39 -31.23 35.83
N VAL B 93 -16.82 -30.18 36.39
CA VAL B 93 -17.24 -28.83 36.06
C VAL B 93 -16.15 -28.24 35.18
N TYR B 94 -16.52 -27.66 34.05
CA TYR B 94 -15.51 -27.17 33.14
C TYR B 94 -15.51 -25.67 33.04
N PHE B 95 -14.32 -25.09 33.23
CA PHE B 95 -14.18 -23.65 33.19
C PHE B 95 -13.40 -23.18 31.99
N CYS B 96 -13.72 -21.95 31.57
CA CYS B 96 -12.92 -21.17 30.66
C CYS B 96 -12.35 -19.96 31.40
N ALA B 97 -11.11 -19.57 31.09
CA ALA B 97 -10.50 -18.45 31.80
C ALA B 97 -9.65 -17.58 30.87
N ARG B 98 -9.68 -16.27 31.07
CA ARG B 98 -8.88 -15.40 30.21
C ARG B 98 -7.61 -14.99 30.95
N HIS B 99 -6.47 -15.16 30.28
CA HIS B 99 -5.18 -14.79 30.83
C HIS B 99 -4.93 -13.27 30.83
N GLY B 100 -3.86 -12.86 31.51
CA GLY B 100 -3.45 -11.46 31.47
C GLY B 100 -2.92 -10.98 30.14
N ASN B 101 -2.35 -11.89 29.36
CA ASN B 101 -1.74 -11.59 28.06
C ASN B 101 -2.04 -12.63 26.99
N TYR B 102 -1.27 -12.61 25.90
CA TYR B 102 -1.47 -13.62 24.85
C TYR B 102 -1.06 -15.06 25.13
N TYR B 103 -0.34 -15.32 26.21
CA TYR B 103 0.23 -16.65 26.39
C TYR B 103 -0.15 -17.14 27.79
N TYR B 104 0.12 -18.41 28.07
CA TYR B 104 -0.41 -19.09 29.25
C TYR B 104 0.41 -18.87 30.52
N TYR B 105 1.51 -18.14 30.42
CA TYR B 105 2.35 -17.92 31.60
C TYR B 105 1.61 -16.96 32.55
N SER B 106 0.91 -15.97 32.00
CA SER B 106 0.27 -14.93 32.80
C SER B 106 -0.89 -15.47 33.63
N GLY B 107 -1.19 -14.82 34.75
CA GLY B 107 -2.29 -15.27 35.61
C GLY B 107 -3.62 -15.09 34.87
N MET B 108 -4.59 -15.94 35.19
CA MET B 108 -5.93 -15.91 34.58
C MET B 108 -6.91 -15.07 35.41
N ASP B 109 -7.33 -13.92 34.91
CA ASP B 109 -8.07 -12.98 35.77
C ASP B 109 -9.57 -12.86 35.47
N VAL B 110 -10.04 -13.42 34.36
CA VAL B 110 -11.47 -13.44 34.05
C VAL B 110 -12.00 -14.86 33.80
N TRP B 111 -13.05 -15.25 34.51
CA TRP B 111 -13.52 -16.63 34.46
C TRP B 111 -15.00 -16.73 34.06
N GLY B 112 -15.30 -17.75 33.26
CA GLY B 112 -16.66 -18.03 32.85
C GLY B 112 -17.36 -18.64 34.04
N GLN B 113 -18.68 -18.76 34.00
CA GLN B 113 -19.38 -19.34 35.14
C GLN B 113 -19.00 -20.80 35.28
N GLY B 114 -18.57 -21.43 34.19
CA GLY B 114 -18.23 -22.83 34.29
C GLY B 114 -19.40 -23.62 33.76
N THR B 115 -19.13 -24.75 33.12
CA THR B 115 -20.23 -25.53 32.64
C THR B 115 -20.03 -26.92 33.20
N THR B 116 -21.09 -27.44 33.80
CA THR B 116 -21.00 -28.74 34.43
C THR B 116 -21.35 -29.82 33.44
N VAL B 117 -20.50 -30.84 33.35
CA VAL B 117 -20.81 -31.95 32.44
C VAL B 117 -20.73 -33.30 33.16
N THR B 118 -21.81 -34.07 33.06
CA THR B 118 -21.87 -35.33 33.78
C THR B 118 -22.06 -36.55 32.86
N VAL B 119 -21.16 -37.51 32.97
CA VAL B 119 -21.17 -38.75 32.19
C VAL B 119 -21.66 -39.94 33.01
N SER B 120 -22.84 -40.45 32.66
CA SER B 120 -23.42 -41.62 33.32
C SER B 120 -24.15 -42.48 32.30
N SER B 121 -24.03 -43.81 32.43
CA SER B 121 -24.62 -44.71 31.45
C SER B 121 -26.12 -44.94 31.66
N ALA B 122 -26.69 -44.23 32.62
CA ALA B 122 -28.12 -44.31 32.88
C ALA B 122 -28.88 -43.25 32.10
N SER B 123 -30.21 -43.29 32.15
CA SER B 123 -31.03 -42.24 31.56
C SER B 123 -31.90 -41.50 32.57
N THR B 124 -32.66 -40.54 32.08
CA THR B 124 -33.55 -39.67 32.87
C THR B 124 -34.59 -40.41 33.71
N LYS B 125 -34.70 -40.06 35.00
CA LYS B 125 -35.67 -40.73 35.85
C LYS B 125 -36.29 -39.70 36.79
N GLY B 126 -37.55 -39.94 37.17
CA GLY B 126 -38.24 -39.09 38.11
C GLY B 126 -37.91 -39.53 39.52
N PRO B 127 -37.87 -38.56 40.45
CA PRO B 127 -37.56 -38.86 41.85
C PRO B 127 -38.73 -39.56 42.53
N SER B 128 -38.44 -40.34 43.57
CA SER B 128 -39.51 -40.85 44.39
C SER B 128 -39.40 -40.11 45.72
N VAL B 129 -40.52 -39.52 46.14
CA VAL B 129 -40.52 -38.73 47.35
C VAL B 129 -41.29 -39.41 48.47
N PHE B 130 -40.74 -39.34 49.68
CA PHE B 130 -41.38 -39.96 50.83
C PHE B 130 -41.30 -38.94 51.96
N PRO B 131 -42.40 -38.75 52.73
CA PRO B 131 -42.45 -37.78 53.83
C PRO B 131 -41.63 -38.20 55.08
N LEU B 132 -40.98 -37.26 55.77
CA LEU B 132 -40.37 -37.58 57.07
C LEU B 132 -41.12 -37.06 58.32
N ALA B 133 -41.87 -37.94 58.98
CA ALA B 133 -42.74 -37.54 60.09
C ALA B 133 -41.99 -37.07 61.36
N PRO B 134 -42.49 -36.03 62.03
CA PRO B 134 -41.94 -35.43 63.26
C PRO B 134 -41.98 -36.29 64.53
N SER B 135 -41.40 -37.49 64.60
CA SER B 135 -41.52 -38.21 65.88
C SER B 135 -40.69 -37.58 67.01
N SER B 136 -39.50 -37.12 66.66
CA SER B 136 -38.53 -36.64 67.64
C SER B 136 -38.24 -35.14 67.53
N LYS B 137 -37.44 -34.61 68.44
CA LYS B 137 -37.22 -33.15 68.51
C LYS B 137 -35.91 -32.87 69.28
N GLY B 142 -38.63 -28.53 72.52
CA GLY B 142 -39.63 -27.50 72.30
C GLY B 142 -39.67 -27.04 70.85
N THR B 143 -38.76 -27.61 70.08
CA THR B 143 -38.56 -27.34 68.66
C THR B 143 -38.53 -28.70 68.02
N ALA B 144 -38.94 -28.82 66.77
CA ALA B 144 -38.99 -30.13 66.15
C ALA B 144 -38.52 -30.09 64.71
N ALA B 145 -38.26 -31.28 64.17
CA ALA B 145 -37.83 -31.41 62.79
C ALA B 145 -38.67 -32.39 61.99
N LEU B 146 -39.02 -31.94 60.79
CA LEU B 146 -39.76 -32.74 59.83
C LEU B 146 -39.11 -32.49 58.48
N GLY B 147 -39.32 -33.41 57.54
CA GLY B 147 -38.67 -33.27 56.26
C GLY B 147 -39.18 -34.08 55.10
N CYS B 148 -38.48 -33.94 53.99
CA CYS B 148 -38.79 -34.67 52.77
C CYS B 148 -37.59 -35.42 52.24
N LEU B 149 -37.82 -36.65 51.80
CA LEU B 149 -36.77 -37.42 51.16
C LEU B 149 -36.97 -37.49 49.65
N VAL B 150 -35.96 -37.04 48.90
CA VAL B 150 -35.98 -37.14 47.45
C VAL B 150 -35.08 -38.29 46.97
N LYS B 151 -35.68 -39.31 46.39
CA LYS B 151 -34.95 -40.57 46.19
C LYS B 151 -34.89 -40.97 44.71
N ASP B 152 -33.71 -41.38 44.26
CA ASP B 152 -33.54 -42.04 42.96
C ASP B 152 -33.98 -41.19 41.78
N TYR B 153 -33.26 -40.10 41.54
CA TYR B 153 -33.53 -39.24 40.40
C TYR B 153 -32.30 -38.98 39.54
N PHE B 154 -32.51 -38.97 38.23
CA PHE B 154 -31.43 -38.72 37.29
C PHE B 154 -31.92 -37.82 36.15
N PRO B 155 -31.05 -36.91 35.69
CA PRO B 155 -29.81 -36.54 36.38
C PRO B 155 -30.04 -35.35 37.32
N GLU B 156 -28.97 -34.78 37.85
CA GLU B 156 -29.06 -33.54 38.61
C GLU B 156 -29.66 -32.44 37.75
N PRO B 157 -30.26 -31.41 38.38
CA PRO B 157 -30.46 -31.13 39.80
C PRO B 157 -31.95 -31.05 40.15
N VAL B 158 -32.30 -31.10 41.42
CA VAL B 158 -33.71 -30.92 41.79
C VAL B 158 -33.90 -29.78 42.80
N THR B 159 -34.95 -28.99 42.60
CA THR B 159 -35.26 -27.87 43.48
C THR B 159 -36.43 -28.18 44.42
N VAL B 160 -36.30 -27.76 45.66
CA VAL B 160 -37.31 -27.98 46.70
C VAL B 160 -37.64 -26.67 47.40
N SER B 161 -38.92 -26.42 47.63
CA SER B 161 -39.36 -25.23 48.34
C SER B 161 -40.45 -25.72 49.27
N TRP B 162 -40.81 -24.92 50.27
CA TRP B 162 -41.83 -25.35 51.20
C TRP B 162 -43.07 -24.47 51.23
N ASN B 163 -44.25 -25.08 51.17
CA ASN B 163 -45.50 -24.33 51.21
C ASN B 163 -45.57 -23.27 50.12
N SER B 164 -45.22 -23.70 48.90
CA SER B 164 -45.22 -22.86 47.70
C SER B 164 -44.19 -21.75 47.81
N GLY B 165 -43.17 -22.01 48.63
CA GLY B 165 -42.02 -21.13 48.79
C GLY B 165 -42.25 -20.03 49.80
N ALA B 166 -43.44 -20.01 50.39
CA ALA B 166 -43.77 -19.07 51.46
C ALA B 166 -42.96 -19.35 52.73
N LEU B 167 -42.65 -20.61 52.97
CA LEU B 167 -41.96 -21.00 54.19
C LEU B 167 -40.46 -21.01 53.95
N THR B 168 -39.76 -20.09 54.62
CA THR B 168 -38.35 -19.90 54.36
C THR B 168 -37.46 -19.97 55.59
N SER B 169 -37.99 -19.57 56.74
CA SER B 169 -37.16 -19.46 57.92
C SER B 169 -36.75 -20.87 58.37
N GLY B 170 -35.47 -21.04 58.69
CA GLY B 170 -35.07 -22.32 59.25
C GLY B 170 -35.14 -23.53 58.34
N VAL B 171 -35.13 -23.31 57.04
CA VAL B 171 -35.28 -24.43 56.13
C VAL B 171 -33.89 -24.71 55.60
N HIS B 172 -33.50 -25.98 55.65
CA HIS B 172 -32.26 -26.42 55.05
C HIS B 172 -32.44 -27.64 54.16
N THR B 173 -31.95 -27.51 52.94
CA THR B 173 -31.94 -28.57 51.95
C THR B 173 -30.53 -29.08 51.70
N PHE B 174 -30.32 -30.37 51.92
CA PHE B 174 -28.97 -30.94 51.84
C PHE B 174 -28.48 -31.11 50.41
N PRO B 175 -27.15 -31.21 50.25
CA PRO B 175 -26.58 -31.61 48.97
C PRO B 175 -26.99 -33.02 48.60
N ALA B 176 -27.15 -33.28 47.30
CA ALA B 176 -27.56 -34.60 46.87
C ALA B 176 -26.44 -35.63 46.86
N VAL B 177 -26.84 -36.84 47.25
CA VAL B 177 -26.01 -38.06 47.25
C VAL B 177 -26.12 -39.07 46.10
N LEU B 178 -25.02 -39.26 45.37
CA LEU B 178 -25.07 -40.14 44.22
C LEU B 178 -24.88 -41.56 44.71
N GLN B 179 -25.92 -42.30 44.39
CA GLN B 179 -26.17 -43.67 44.81
C GLN B 179 -25.20 -44.63 44.08
N SER B 180 -24.89 -45.77 44.68
CA SER B 180 -24.05 -46.77 44.02
C SER B 180 -24.86 -47.23 42.82
N SER B 181 -26.17 -47.21 43.02
CA SER B 181 -27.17 -47.58 42.02
C SER B 181 -27.10 -46.63 40.81
N GLY B 182 -26.46 -45.48 41.01
CA GLY B 182 -26.30 -44.49 39.95
C GLY B 182 -27.32 -43.37 39.89
N LEU B 183 -28.15 -43.29 40.91
CA LEU B 183 -29.22 -42.30 41.00
C LEU B 183 -28.88 -41.28 42.07
N TYR B 184 -29.17 -40.01 41.84
CA TYR B 184 -28.96 -39.01 42.86
C TYR B 184 -30.08 -39.12 43.90
N SER B 185 -29.79 -38.76 45.14
CA SER B 185 -30.82 -38.63 46.18
C SER B 185 -30.48 -37.50 47.15
N LEU B 186 -31.49 -36.87 47.74
CA LEU B 186 -31.25 -35.84 48.75
C LEU B 186 -32.41 -35.65 49.72
N SER B 187 -32.16 -34.91 50.80
CA SER B 187 -33.15 -34.69 51.83
C SER B 187 -33.33 -33.20 52.09
N SER B 188 -34.54 -32.80 52.44
CA SER B 188 -34.83 -31.45 52.89
C SER B 188 -35.52 -31.45 54.25
N VAL B 189 -35.10 -30.54 55.13
CA VAL B 189 -35.58 -30.51 56.52
C VAL B 189 -35.91 -29.06 56.88
N VAL B 190 -36.85 -28.89 57.80
CA VAL B 190 -37.09 -27.58 58.38
C VAL B 190 -37.33 -27.67 59.88
N THR B 191 -36.81 -26.69 60.61
CA THR B 191 -36.98 -26.67 62.04
C THR B 191 -38.07 -25.64 62.33
N VAL B 192 -39.03 -26.09 63.12
CA VAL B 192 -40.27 -25.38 63.41
C VAL B 192 -40.55 -25.37 64.90
N PRO B 193 -41.39 -24.45 65.37
CA PRO B 193 -41.73 -24.58 66.79
C PRO B 193 -42.57 -25.83 67.04
N SER B 194 -42.35 -26.48 68.18
CA SER B 194 -43.03 -27.74 68.46
C SER B 194 -44.50 -27.43 68.63
N SER B 195 -44.79 -26.24 69.14
CA SER B 195 -46.15 -25.82 69.42
C SER B 195 -47.01 -25.82 68.16
N SER B 196 -46.41 -25.39 67.05
CA SER B 196 -47.15 -25.16 65.82
C SER B 196 -47.48 -26.42 65.02
N LEU B 197 -47.10 -27.60 65.51
CA LEU B 197 -47.21 -28.81 64.70
C LEU B 197 -48.63 -29.31 64.45
N GLY B 198 -49.43 -29.35 65.51
CA GLY B 198 -50.79 -29.83 65.42
C GLY B 198 -51.66 -28.89 64.59
N THR B 199 -51.41 -27.60 64.78
CA THR B 199 -52.14 -26.52 64.12
C THR B 199 -51.80 -26.27 62.66
N GLN B 200 -50.51 -26.21 62.35
CA GLN B 200 -50.06 -25.62 61.10
C GLN B 200 -49.62 -26.76 60.18
N THR B 201 -50.02 -26.70 58.91
CA THR B 201 -49.76 -27.77 57.94
C THR B 201 -48.57 -27.48 57.04
N TYR B 202 -47.84 -28.54 56.67
CA TYR B 202 -46.65 -28.40 55.84
C TYR B 202 -46.60 -29.26 54.57
N ILE B 203 -46.30 -28.59 53.46
CA ILE B 203 -46.24 -29.16 52.11
C ILE B 203 -44.96 -28.73 51.40
N CYS B 204 -44.31 -29.68 50.74
CA CYS B 204 -43.08 -29.43 50.01
C CYS B 204 -43.21 -29.43 48.49
N ASN B 205 -42.61 -28.45 47.86
CA ASN B 205 -42.72 -28.36 46.41
C ASN B 205 -41.40 -28.82 45.84
N VAL B 206 -41.45 -29.90 45.07
CA VAL B 206 -40.24 -30.50 44.55
C VAL B 206 -40.39 -30.38 43.05
N ASN B 207 -39.39 -29.78 42.41
CA ASN B 207 -39.39 -29.73 40.97
C ASN B 207 -38.11 -30.30 40.37
N HIS B 208 -38.28 -31.24 39.44
CA HIS B 208 -37.16 -31.79 38.72
C HIS B 208 -37.31 -31.53 37.24
N LYS B 209 -36.60 -30.52 36.75
CA LYS B 209 -36.72 -30.11 35.34
C LYS B 209 -36.34 -31.20 34.30
N PRO B 210 -35.22 -31.95 34.52
CA PRO B 210 -34.78 -32.96 33.55
C PRO B 210 -35.80 -34.05 33.25
N SER B 211 -36.52 -34.47 34.28
CA SER B 211 -37.59 -35.43 34.10
C SER B 211 -38.79 -34.58 33.78
N ASN B 212 -38.81 -33.39 34.37
CA ASN B 212 -39.86 -32.40 34.14
C ASN B 212 -41.04 -32.91 34.95
N THR B 213 -40.68 -33.14 36.20
CA THR B 213 -41.48 -33.70 37.29
C THR B 213 -41.75 -32.62 38.34
N LYS B 214 -43.02 -32.40 38.65
CA LYS B 214 -43.40 -31.45 39.69
C LYS B 214 -44.28 -32.15 40.72
N VAL B 215 -43.79 -32.27 41.95
CA VAL B 215 -44.49 -33.08 42.94
C VAL B 215 -44.69 -32.28 44.21
N ASP B 216 -45.90 -32.34 44.74
CA ASP B 216 -46.22 -31.70 46.01
C ASP B 216 -46.51 -32.83 47.01
N LYS B 217 -45.91 -32.77 48.19
CA LYS B 217 -46.15 -33.79 49.19
C LYS B 217 -46.42 -33.21 50.58
N ARG B 218 -47.40 -33.70 51.33
CA ARG B 218 -47.62 -33.10 52.64
C ARG B 218 -47.03 -34.00 53.69
N VAL B 219 -46.32 -33.41 54.65
CA VAL B 219 -45.74 -34.17 55.73
C VAL B 219 -46.65 -34.10 56.97
N GLU B 220 -47.09 -35.26 57.46
CA GLU B 220 -47.93 -35.33 58.67
C GLU B 220 -47.33 -36.22 59.75
N PRO B 221 -47.47 -35.79 61.02
CA PRO B 221 -47.09 -36.57 62.19
C PRO B 221 -47.85 -37.89 62.28
N ASP C 1 30.24 -15.30 26.18
CA ASP C 1 28.80 -15.24 26.40
C ASP C 1 28.12 -14.44 25.29
N THR C 2 27.01 -14.97 24.78
CA THR C 2 26.31 -14.34 23.67
C THR C 2 24.82 -14.19 23.97
N ILE C 3 24.20 -13.21 23.31
CA ILE C 3 22.74 -13.09 23.26
C ILE C 3 22.29 -12.75 21.84
N CYS C 4 21.18 -13.33 21.41
CA CYS C 4 20.74 -13.14 20.04
C CYS C 4 19.36 -12.48 20.04
N ILE C 5 19.07 -11.67 19.04
CA ILE C 5 17.72 -11.10 18.92
C ILE C 5 17.15 -11.77 17.67
N GLY C 6 15.92 -12.27 17.73
CA GLY C 6 15.36 -13.07 16.64
C GLY C 6 13.86 -12.96 16.42
N TYR C 7 13.33 -13.63 15.40
CA TYR C 7 11.89 -13.59 15.23
C TYR C 7 11.40 -15.03 15.09
N HIS C 8 10.09 -15.20 15.23
CA HIS C 8 9.45 -16.50 15.20
C HIS C 8 9.38 -17.17 13.82
N ALA C 9 9.53 -18.48 13.79
CA ALA C 9 9.30 -19.25 12.58
C ALA C 9 8.67 -20.59 12.95
N ASN C 10 7.98 -21.22 12.02
CA ASN C 10 7.39 -22.53 12.26
C ASN C 10 7.18 -23.22 10.92
N ASN C 11 6.37 -24.27 10.86
CA ASN C 11 6.19 -25.01 9.61
C ASN C 11 4.91 -24.60 8.89
N SER C 12 4.39 -23.42 9.24
CA SER C 12 3.16 -22.97 8.61
C SER C 12 3.42 -22.83 7.14
N THR C 13 2.47 -23.36 6.39
CA THR C 13 2.46 -23.37 4.95
C THR C 13 1.52 -22.32 4.40
N ASP C 14 0.90 -21.55 5.30
CA ASP C 14 -0.06 -20.58 4.83
C ASP C 14 0.68 -19.55 4.02
N THR C 15 0.05 -19.08 2.95
CA THR C 15 0.67 -18.06 2.15
C THR C 15 -0.36 -16.99 1.91
N VAL C 16 0.10 -15.76 1.77
CA VAL C 16 -0.77 -14.65 1.44
C VAL C 16 -0.06 -13.80 0.41
N ASP C 17 -0.81 -12.90 -0.20
CA ASP C 17 -0.22 -11.98 -1.15
C ASP C 17 -0.31 -10.62 -0.49
N THR C 18 0.71 -9.81 -0.73
CA THR C 18 0.75 -8.43 -0.30
C THR C 18 0.94 -7.59 -1.57
N VAL C 19 0.94 -6.28 -1.42
CA VAL C 19 1.06 -5.38 -2.55
C VAL C 19 2.34 -5.66 -3.35
N LEU C 20 3.46 -5.65 -2.65
CA LEU C 20 4.78 -5.81 -3.23
C LEU C 20 5.17 -7.25 -3.59
N GLU C 21 4.63 -8.20 -2.83
CA GLU C 21 4.94 -9.63 -2.98
C GLU C 21 3.68 -10.51 -3.04
N LYS C 22 3.84 -11.68 -3.66
CA LYS C 22 2.75 -12.60 -3.92
C LYS C 22 3.22 -13.90 -3.27
N ASN C 23 2.33 -14.65 -2.61
CA ASN C 23 2.73 -15.90 -1.96
C ASN C 23 3.87 -15.84 -0.94
N VAL C 24 3.76 -14.89 -0.03
CA VAL C 24 4.68 -14.85 1.09
C VAL C 24 4.23 -15.90 2.11
N THR C 25 5.17 -16.69 2.62
CA THR C 25 4.82 -17.68 3.63
C THR C 25 4.80 -17.05 5.02
N VAL C 26 3.73 -17.29 5.79
CA VAL C 26 3.66 -16.68 7.12
C VAL C 26 3.36 -17.69 8.25
N THR C 27 3.69 -17.32 9.49
CA THR C 27 3.46 -18.21 10.64
C THR C 27 1.99 -18.50 10.99
N HIS C 28 1.15 -17.49 10.87
CA HIS C 28 -0.29 -17.65 11.08
C HIS C 28 -1.03 -16.65 10.22
N SER C 29 -2.19 -17.07 9.75
CA SER C 29 -3.03 -16.24 8.94
C SER C 29 -4.46 -16.63 9.22
N VAL C 30 -5.36 -15.69 9.01
CA VAL C 30 -6.78 -15.94 9.20
C VAL C 30 -7.49 -15.81 7.86
N ASN C 31 -8.51 -16.64 7.69
CA ASN C 31 -9.29 -16.72 6.47
C ASN C 31 -10.60 -16.03 6.78
N LEU C 32 -10.91 -15.00 6.01
CA LEU C 32 -12.10 -14.20 6.29
C LEU C 32 -13.42 -14.71 5.71
N LEU C 33 -13.49 -16.00 5.38
CA LEU C 33 -14.60 -16.51 4.60
C LEU C 33 -15.29 -17.28 5.71
N GLU C 34 -16.12 -16.53 6.42
CA GLU C 34 -17.05 -16.95 7.47
C GLU C 34 -18.39 -16.27 7.24
N ASN C 35 -18.32 -14.95 7.11
CA ASN C 35 -19.45 -14.07 6.86
C ASN C 35 -20.42 -14.64 5.83
N CYS C 43 -16.14 -16.54 -2.35
CA CYS C 43 -16.13 -15.31 -3.14
C CYS C 43 -14.86 -15.11 -3.95
N SER C 44 -13.88 -14.40 -3.37
CA SER C 44 -12.62 -14.12 -4.05
C SER C 44 -11.70 -15.35 -4.00
N ALA C 45 -12.19 -16.36 -3.26
CA ALA C 45 -11.62 -17.71 -3.08
C ALA C 45 -10.52 -17.68 -2.02
N LYS C 46 -9.70 -16.64 -2.07
CA LYS C 46 -8.63 -16.38 -1.11
C LYS C 46 -8.79 -14.99 -0.56
N LEU C 47 -8.98 -14.91 0.75
CA LEU C 47 -9.04 -13.65 1.43
C LEU C 47 -8.26 -13.82 2.72
N ARG C 48 -7.04 -14.32 2.55
CA ARG C 48 -6.15 -14.58 3.67
C ARG C 48 -5.55 -13.26 4.12
N MET C 49 -5.64 -13.00 5.40
CA MET C 49 -5.09 -11.83 6.05
C MET C 49 -3.98 -12.22 7.01
N VAL C 50 -2.81 -11.62 6.88
CA VAL C 50 -1.72 -12.04 7.73
C VAL C 50 -1.93 -11.51 9.12
N THR C 51 -1.64 -12.36 10.10
CA THR C 51 -1.57 -11.92 11.47
C THR C 51 -0.16 -12.20 11.96
N GLY C 52 0.37 -13.35 11.52
CA GLY C 52 1.68 -13.78 11.98
C GLY C 52 2.71 -13.02 11.17
N LEU C 53 3.97 -13.43 11.28
CA LEU C 53 5.02 -12.77 10.53
C LEU C 53 5.54 -13.73 9.46
N ARG C 54 6.37 -13.22 8.55
CA ARG C 54 6.92 -13.99 7.43
C ARG C 54 7.68 -15.25 7.87
N ASN C 55 7.38 -16.40 7.30
CA ASN C 55 8.01 -17.65 7.74
C ASN C 55 9.29 -17.93 6.87
N LYS C 56 10.48 -17.90 7.48
CA LYS C 56 11.84 -18.08 6.90
C LYS C 56 12.55 -18.98 7.88
N PRO C 57 12.40 -20.32 7.86
CA PRO C 57 13.22 -21.14 8.78
C PRO C 57 14.76 -21.26 8.61
N SER C 58 15.47 -21.34 9.75
CA SER C 58 16.94 -21.39 9.82
C SER C 58 17.62 -22.25 8.74
N ILE D 6 24.12 -20.29 16.93
CA ILE D 6 23.51 -19.87 15.67
C ILE D 6 22.52 -18.65 15.70
N ALA D 7 22.79 -17.74 14.75
CA ALA D 7 21.96 -16.57 14.44
C ALA D 7 20.57 -17.05 14.11
N GLY D 8 19.53 -16.21 14.16
CA GLY D 8 19.57 -14.76 14.33
C GLY D 8 18.68 -14.26 13.21
N PHE D 9 17.99 -13.15 13.40
CA PHE D 9 17.00 -12.76 12.42
C PHE D 9 17.39 -12.34 10.99
N THR D 10 18.62 -11.91 10.71
CA THR D 10 18.95 -11.62 9.30
C THR D 10 18.89 -12.84 8.36
N GLU D 11 19.51 -13.92 8.82
CA GLU D 11 19.62 -15.17 8.11
C GLU D 11 18.32 -16.04 8.13
N GLY D 12 17.48 -15.89 9.13
CA GLY D 12 16.18 -16.56 9.12
C GLY D 12 15.44 -16.66 10.43
N GLY D 13 14.27 -17.28 10.37
CA GLY D 13 13.44 -17.46 11.55
C GLY D 13 13.81 -18.55 12.50
N TRP D 14 13.32 -18.43 13.73
CA TRP D 14 13.67 -19.42 14.72
C TRP D 14 12.52 -20.38 14.84
N THR D 15 12.79 -21.62 14.47
CA THR D 15 11.87 -22.72 14.69
C THR D 15 11.83 -23.18 16.16
N GLY D 16 12.93 -22.93 16.87
CA GLY D 16 13.04 -23.25 18.29
C GLY D 16 12.15 -22.48 19.24
N MET D 17 11.84 -21.25 18.85
CA MET D 17 10.96 -20.36 19.62
C MET D 17 9.50 -20.42 19.18
N VAL D 18 8.65 -20.84 20.10
CA VAL D 18 7.25 -21.11 19.82
C VAL D 18 6.40 -20.12 20.63
N ASP D 19 7.00 -19.58 21.69
CA ASP D 19 6.27 -18.77 22.66
C ASP D 19 6.19 -17.27 22.37
N GLY D 20 6.62 -16.83 21.19
CA GLY D 20 6.58 -15.42 20.87
C GLY D 20 6.82 -15.07 19.42
N TRP D 21 6.44 -13.86 19.02
CA TRP D 21 6.77 -13.38 17.68
C TRP D 21 8.19 -12.85 17.67
N TYR D 22 8.52 -12.13 18.75
CA TYR D 22 9.84 -11.54 18.93
C TYR D 22 10.46 -11.98 20.25
N GLY D 23 11.76 -12.22 20.24
CA GLY D 23 12.42 -12.87 21.36
C GLY D 23 13.92 -12.68 21.44
N TYR D 24 14.53 -13.39 22.38
CA TYR D 24 15.98 -13.40 22.57
C TYR D 24 16.45 -14.83 22.49
N HIS D 25 17.70 -15.02 22.10
CA HIS D 25 18.39 -16.28 22.36
C HIS D 25 19.73 -16.04 23.02
N HIS D 26 19.98 -16.76 24.10
CA HIS D 26 21.19 -16.51 24.86
C HIS D 26 22.02 -17.78 24.96
N GLN D 27 23.34 -17.64 24.97
CA GLN D 27 24.20 -18.77 25.30
C GLN D 27 25.28 -18.30 26.26
N ASN D 28 25.44 -19.04 27.36
CA ASN D 28 26.46 -18.73 28.36
C ASN D 28 26.86 -20.00 29.12
N GLU D 29 27.69 -19.82 30.15
CA GLU D 29 28.20 -20.94 30.95
C GLU D 29 27.07 -21.71 31.60
N GLN D 30 26.00 -20.99 31.94
CA GLN D 30 24.82 -21.59 32.53
C GLN D 30 23.98 -22.42 31.56
N GLY D 31 23.91 -21.99 30.31
CA GLY D 31 23.16 -22.72 29.28
C GLY D 31 22.96 -21.94 27.99
N SER D 32 22.14 -22.49 27.11
CA SER D 32 21.70 -21.79 25.90
C SER D 32 20.21 -22.03 25.77
N GLY D 33 19.46 -20.99 25.40
CA GLY D 33 18.01 -21.11 25.28
C GLY D 33 17.24 -20.01 24.57
N TYR D 34 16.02 -20.33 24.12
CA TYR D 34 15.12 -19.36 23.53
C TYR D 34 14.23 -18.70 24.59
N ALA D 35 14.01 -17.39 24.45
CA ALA D 35 13.04 -16.68 25.29
C ALA D 35 12.24 -15.67 24.47
N ALA D 36 10.96 -15.52 24.80
CA ALA D 36 10.09 -14.52 24.17
C ALA D 36 10.11 -13.14 24.81
N ASP D 37 10.00 -12.08 24.01
CA ASP D 37 9.85 -10.75 24.60
C ASP D 37 8.35 -10.54 24.72
N GLN D 38 7.85 -10.63 25.95
CA GLN D 38 6.41 -10.62 26.18
C GLN D 38 5.78 -9.29 25.82
N LYS D 39 6.49 -8.21 26.13
CA LYS D 39 5.99 -6.85 25.97
C LYS D 39 5.68 -6.52 24.52
N SER D 40 6.70 -6.64 23.66
CA SER D 40 6.58 -6.22 22.27
C SER D 40 5.59 -7.06 21.46
N THR D 41 5.53 -8.36 21.77
CA THR D 41 4.62 -9.25 21.05
C THR D 41 3.18 -8.91 21.41
N GLN D 42 2.92 -8.67 22.70
CA GLN D 42 1.56 -8.39 23.16
C GLN D 42 1.05 -7.09 22.56
N ASN D 43 1.97 -6.13 22.46
CA ASN D 43 1.64 -4.84 21.87
C ASN D 43 1.22 -5.08 20.44
N ALA D 44 1.98 -5.91 19.76
CA ALA D 44 1.71 -6.25 18.37
C ALA D 44 0.34 -6.91 18.24
N ILE D 45 0.06 -7.86 19.13
CA ILE D 45 -1.22 -8.56 19.10
C ILE D 45 -2.35 -7.58 19.36
N ASN D 46 -2.13 -6.66 20.29
CA ASN D 46 -3.11 -5.63 20.58
C ASN D 46 -3.34 -4.85 19.29
N GLY D 47 -2.25 -4.60 18.59
CA GLY D 47 -2.27 -3.91 17.31
C GLY D 47 -2.86 -4.72 16.16
N ILE D 48 -2.43 -5.97 16.00
CA ILE D 48 -2.88 -6.78 14.88
C ILE D 48 -4.38 -7.01 14.98
N THR D 49 -4.83 -7.37 16.17
CA THR D 49 -6.24 -7.63 16.44
C THR D 49 -7.11 -6.41 16.19
N ASN D 50 -6.59 -5.24 16.53
CA ASN D 50 -7.33 -3.99 16.40
C ASN D 50 -7.69 -3.75 14.93
N LYS D 51 -6.68 -3.87 14.07
CA LYS D 51 -6.86 -3.68 12.61
C LYS D 51 -7.83 -4.74 12.12
N VAL D 52 -7.68 -5.97 12.57
CA VAL D 52 -8.51 -7.06 12.07
C VAL D 52 -9.97 -6.76 12.40
N ASN D 53 -10.25 -6.33 13.64
CA ASN D 53 -11.62 -5.99 14.01
C ASN D 53 -12.15 -4.84 13.13
N SER D 54 -11.25 -3.88 12.83
CA SER D 54 -11.60 -2.72 12.02
C SER D 54 -11.93 -3.10 10.58
N VAL D 55 -11.14 -4.00 10.00
CA VAL D 55 -11.34 -4.45 8.63
C VAL D 55 -12.70 -5.12 8.43
N ILE D 56 -13.05 -5.97 9.38
CA ILE D 56 -14.32 -6.68 9.41
C ILE D 56 -15.51 -5.72 9.47
N GLU D 57 -15.40 -4.67 10.28
CA GLU D 57 -16.48 -3.68 10.47
C GLU D 57 -16.90 -2.99 9.15
N LYS D 58 -15.96 -2.67 8.28
CA LYS D 58 -16.23 -2.05 6.97
C LYS D 58 -17.11 -2.98 6.10
N MET D 59 -16.91 -4.30 6.25
CA MET D 59 -17.70 -5.36 5.58
C MET D 59 -19.13 -5.61 6.08
N ASN D 60 -20.02 -6.05 5.19
CA ASN D 60 -21.38 -6.13 5.63
C ASN D 60 -21.88 -7.54 5.27
N GLU D 84 -27.63 -6.24 -12.68
CA GLU D 84 -27.00 -5.11 -12.03
C GLU D 84 -26.42 -5.55 -10.68
N GLU D 85 -27.14 -6.43 -9.98
CA GLU D 85 -26.62 -7.01 -8.72
C GLU D 85 -25.47 -7.99 -8.71
N ILE D 86 -25.41 -8.89 -9.68
CA ILE D 86 -24.30 -9.84 -9.70
C ILE D 86 -23.07 -8.93 -9.88
N GLU D 87 -23.36 -7.89 -10.65
CA GLU D 87 -22.48 -7.06 -11.43
C GLU D 87 -21.75 -6.05 -10.47
N SER D 88 -22.55 -5.40 -9.60
CA SER D 88 -22.13 -4.60 -8.42
C SER D 88 -21.46 -5.40 -7.27
N LYS D 89 -21.96 -6.59 -6.94
CA LYS D 89 -21.35 -7.42 -5.88
C LYS D 89 -19.96 -7.78 -6.33
N GLN D 90 -19.70 -7.92 -7.64
CA GLN D 90 -18.31 -8.10 -8.10
C GLN D 90 -17.40 -6.89 -7.80
N ILE D 91 -17.98 -5.69 -7.80
CA ILE D 91 -17.31 -4.42 -7.49
C ILE D 91 -16.84 -4.46 -6.02
N TRP D 92 -17.71 -4.95 -5.16
CA TRP D 92 -17.60 -4.94 -3.69
C TRP D 92 -16.54 -5.96 -3.29
N CYS D 93 -16.57 -7.10 -3.96
CA CYS D 93 -15.63 -8.20 -3.80
C CYS D 93 -14.22 -7.65 -4.01
N TYR D 94 -14.12 -6.74 -4.96
CA TYR D 94 -12.91 -6.02 -5.32
C TYR D 94 -12.44 -5.23 -4.10
N ASN D 95 -13.33 -4.39 -3.57
CA ASN D 95 -13.08 -3.59 -2.38
C ASN D 95 -12.43 -4.26 -1.18
N ALA D 96 -12.82 -5.50 -0.90
CA ALA D 96 -12.20 -6.28 0.17
C ALA D 96 -10.77 -6.67 -0.14
N GLU D 97 -10.63 -7.34 -1.28
CA GLU D 97 -9.37 -7.93 -1.74
C GLU D 97 -8.27 -6.87 -1.79
N LEU D 98 -8.63 -5.62 -2.05
CA LEU D 98 -7.65 -4.55 -2.13
C LEU D 98 -7.23 -4.34 -0.66
N LEU D 99 -8.23 -4.11 0.20
CA LEU D 99 -8.04 -3.88 1.65
C LEU D 99 -7.16 -4.93 2.33
N VAL D 100 -7.33 -6.20 1.93
CA VAL D 100 -6.52 -7.29 2.48
C VAL D 100 -5.06 -7.04 2.15
N LEU D 101 -4.82 -6.70 0.89
CA LEU D 101 -3.48 -6.46 0.38
C LEU D 101 -2.82 -5.32 1.13
N LEU D 102 -3.57 -4.25 1.41
CA LEU D 102 -3.00 -3.11 2.09
C LEU D 102 -2.60 -3.56 3.47
N GLU D 103 -3.56 -4.12 4.19
CA GLU D 103 -3.33 -4.51 5.55
C GLU D 103 -2.30 -5.64 5.66
N ASN D 104 -2.28 -6.60 4.72
CA ASN D 104 -1.20 -7.58 4.75
C ASN D 104 0.17 -6.93 4.61
N GLU D 105 0.26 -5.93 3.73
CA GLU D 105 1.47 -5.13 3.55
C GLU D 105 1.85 -4.45 4.85
N ARG D 106 0.88 -3.75 5.41
CA ARG D 106 1.05 -2.89 6.57
C ARG D 106 1.45 -3.79 7.71
N THR D 107 0.89 -5.00 7.71
CA THR D 107 1.14 -5.95 8.77
C THR D 107 2.57 -6.47 8.82
N LEU D 108 3.06 -6.99 7.70
CA LEU D 108 4.41 -7.56 7.66
C LEU D 108 5.49 -6.53 7.91
N ASP D 109 5.22 -5.31 7.48
CA ASP D 109 6.13 -4.22 7.69
C ASP D 109 6.10 -3.82 9.17
N PHE D 110 4.93 -3.97 9.79
CA PHE D 110 4.79 -3.67 11.21
C PHE D 110 5.72 -4.58 12.01
N HIS D 111 5.77 -5.86 11.63
CA HIS D 111 6.65 -6.81 12.33
C HIS D 111 8.12 -6.48 12.09
N ASP D 112 8.43 -6.16 10.83
CA ASP D 112 9.78 -5.85 10.42
C ASP D 112 10.22 -4.60 11.16
N SER D 113 9.31 -3.63 11.29
CA SER D 113 9.63 -2.45 12.08
C SER D 113 9.92 -2.89 13.53
N ASN D 114 9.03 -3.70 14.11
CA ASN D 114 9.15 -4.13 15.51
C ASN D 114 10.42 -4.92 15.91
N VAL D 115 10.87 -5.82 15.03
CA VAL D 115 12.07 -6.60 15.28
C VAL D 115 13.30 -5.69 15.36
N LYS D 116 13.30 -4.69 14.50
CA LYS D 116 14.30 -3.64 14.51
C LYS D 116 14.30 -2.93 15.85
N ASN D 117 13.12 -2.59 16.38
CA ASN D 117 13.08 -1.80 17.59
C ASN D 117 13.71 -2.59 18.71
N LEU D 118 13.50 -3.90 18.68
CA LEU D 118 13.98 -4.80 19.74
C LEU D 118 15.50 -4.93 19.71
N TYR D 119 16.07 -5.11 18.51
CA TYR D 119 17.53 -5.26 18.37
C TYR D 119 18.23 -4.03 18.97
N GLU D 120 17.68 -2.90 18.55
CA GLU D 120 18.11 -1.59 18.91
C GLU D 120 17.75 -1.26 20.36
N LYS D 121 16.69 -1.87 20.85
CA LYS D 121 16.27 -1.71 22.22
C LYS D 121 17.39 -2.27 23.06
N VAL D 122 17.92 -3.38 22.55
CA VAL D 122 19.07 -4.06 23.15
C VAL D 122 20.40 -3.36 22.86
N LYS D 123 20.64 -3.04 21.60
CA LYS D 123 21.88 -2.34 21.22
C LYS D 123 22.03 -1.04 22.04
N SER D 124 20.92 -0.39 22.40
CA SER D 124 21.02 0.87 23.12
C SER D 124 21.38 0.55 24.58
N GLN D 125 20.98 -0.63 25.04
CA GLN D 125 21.32 -1.03 26.41
C GLN D 125 22.81 -1.38 26.61
N LEU D 126 23.32 -2.21 25.70
CA LEU D 126 24.65 -2.80 25.87
C LEU D 126 25.85 -1.89 25.58
N LYS D 127 25.71 -1.04 24.57
CA LYS D 127 26.79 -0.16 24.14
C LYS D 127 28.06 -1.00 23.90
N ASN D 128 29.21 -0.54 24.40
CA ASN D 128 30.46 -1.23 24.10
C ASN D 128 30.83 -2.36 25.07
N ASN D 129 29.87 -2.78 25.89
CA ASN D 129 30.04 -3.92 26.79
C ASN D 129 29.84 -5.21 26.04
N ALA D 130 29.44 -5.05 24.80
CA ALA D 130 29.18 -6.15 23.86
C ALA D 130 29.51 -5.88 22.38
N LYS D 131 29.67 -6.94 21.57
CA LYS D 131 29.89 -6.68 20.12
C LYS D 131 28.74 -7.02 19.30
N GLU D 132 28.52 -6.15 18.34
CA GLU D 132 27.43 -6.42 17.47
C GLU D 132 28.02 -7.42 16.48
N ILE D 133 27.62 -8.69 16.48
CA ILE D 133 28.18 -9.52 15.44
C ILE D 133 27.66 -9.31 14.02
N GLY D 134 26.50 -8.71 13.86
CA GLY D 134 26.04 -8.54 12.52
C GLY D 134 25.10 -9.70 12.46
N ASN D 135 24.16 -9.67 11.54
CA ASN D 135 23.10 -10.67 11.26
C ASN D 135 22.08 -10.75 12.38
N GLY D 136 22.13 -9.81 13.33
CA GLY D 136 21.15 -9.76 14.41
C GLY D 136 21.55 -10.30 15.78
N CYS D 137 22.81 -10.72 15.91
CA CYS D 137 23.34 -11.22 17.18
C CYS D 137 24.36 -10.32 17.94
N PHE D 138 24.51 -10.50 19.25
CA PHE D 138 25.49 -9.71 20.01
C PHE D 138 26.39 -10.69 20.77
N GLU D 139 27.69 -10.44 20.81
CA GLU D 139 28.58 -11.26 21.62
C GLU D 139 29.19 -10.38 22.71
N PHE D 140 29.00 -10.71 23.98
CA PHE D 140 29.48 -9.89 25.09
C PHE D 140 31.00 -9.89 25.32
N TYR D 141 31.55 -8.71 25.62
CA TYR D 141 32.96 -8.53 26.05
C TYR D 141 33.11 -8.71 27.55
N HIS D 142 32.07 -9.22 28.19
CA HIS D 142 32.13 -9.43 29.62
C HIS D 142 31.39 -10.71 29.83
N LYS D 143 31.53 -11.22 31.04
CA LYS D 143 30.86 -12.45 31.34
C LYS D 143 29.38 -12.13 31.61
N CYS D 144 28.49 -12.91 31.01
CA CYS D 144 27.07 -12.66 31.20
C CYS D 144 26.33 -13.84 31.77
N ASN D 145 25.87 -13.70 33.00
CA ASN D 145 25.26 -14.83 33.62
C ASN D 145 23.77 -14.62 33.45
N ASP D 146 22.97 -15.62 33.80
CA ASP D 146 21.52 -15.56 33.60
C ASP D 146 20.88 -14.27 34.15
N GLU D 147 21.34 -13.83 35.33
CA GLU D 147 20.83 -12.60 35.95
C GLU D 147 21.09 -11.34 35.10
N CYS D 148 22.29 -11.23 34.53
CA CYS D 148 22.63 -10.11 33.68
C CYS D 148 21.80 -10.23 32.40
N MET D 149 21.71 -11.45 31.85
CA MET D 149 20.94 -11.71 30.63
C MET D 149 19.53 -11.15 30.79
N GLU D 150 18.92 -11.44 31.93
CA GLU D 150 17.55 -11.02 32.21
C GLU D 150 17.44 -9.50 32.31
N SER D 151 18.49 -8.88 32.86
CA SER D 151 18.53 -7.43 33.02
C SER D 151 18.50 -6.80 31.64
N VAL D 152 19.18 -7.44 30.70
CA VAL D 152 19.17 -7.01 29.31
C VAL D 152 17.73 -7.06 28.78
N LYS D 153 17.10 -8.22 28.94
CA LYS D 153 15.75 -8.44 28.42
C LYS D 153 14.67 -7.50 28.95
N ASN D 154 14.73 -7.15 30.24
CA ASN D 154 13.70 -6.29 30.82
C ASN D 154 13.99 -4.78 30.82
N GLY D 155 15.13 -4.39 30.27
CA GLY D 155 15.44 -2.99 30.08
C GLY D 155 16.10 -2.32 31.28
N THR D 156 16.62 -3.12 32.20
CA THR D 156 17.24 -2.62 33.42
C THR D 156 18.73 -2.95 33.52
N TYR D 157 19.34 -3.21 32.36
CA TYR D 157 20.74 -3.63 32.27
C TYR D 157 21.66 -2.55 32.85
N ASP D 158 22.63 -2.97 33.67
CA ASP D 158 23.50 -2.00 34.36
C ASP D 158 24.82 -1.90 33.60
N TYR D 159 24.86 -0.98 32.62
CA TYR D 159 26.07 -0.78 31.83
C TYR D 159 27.31 -0.60 32.67
N PRO D 160 27.26 0.31 33.68
CA PRO D 160 28.49 0.51 34.46
C PRO D 160 28.94 -0.69 35.25
N LYS D 161 27.97 -1.55 35.59
CA LYS D 161 28.26 -2.73 36.36
C LYS D 161 29.27 -3.58 35.64
N TYR D 162 29.23 -3.60 34.31
CA TYR D 162 30.12 -4.58 33.70
C TYR D 162 31.08 -3.78 32.84
N SER D 163 30.96 -2.45 32.86
CA SER D 163 31.62 -1.62 31.84
C SER D 163 33.13 -1.61 31.98
N GLU D 164 33.61 -1.76 33.20
CA GLU D 164 35.03 -1.82 33.45
C GLU D 164 35.54 -3.16 32.91
N GLU D 165 34.80 -4.22 33.23
CA GLU D 165 35.11 -5.57 32.80
C GLU D 165 35.24 -5.59 31.27
N SER D 166 34.28 -4.99 30.57
CA SER D 166 34.25 -4.94 29.09
C SER D 166 35.40 -4.16 28.40
N LYS D 167 35.73 -2.98 28.93
CA LYS D 167 36.80 -2.12 28.40
C LYS D 167 38.15 -2.79 28.16
N LEU D 168 38.55 -3.56 29.14
CA LEU D 168 39.78 -4.36 29.17
C LEU D 168 39.85 -5.47 28.11
N ASN D 169 38.81 -6.30 28.08
CA ASN D 169 38.70 -7.51 27.27
C ASN D 169 38.73 -7.21 25.77
N ARG D 170 38.33 -6.00 25.42
CA ARG D 170 38.26 -5.55 24.04
C ARG D 170 39.67 -5.53 23.47
N GLU D 171 40.60 -5.10 24.31
CA GLU D 171 41.98 -4.88 23.91
C GLU D 171 42.75 -6.20 23.85
N SER E 1 19.64 33.03 -35.04
CA SER E 1 19.89 31.59 -35.02
C SER E 1 21.33 31.23 -34.68
N ALA E 2 21.44 30.34 -33.70
CA ALA E 2 22.67 29.89 -33.05
C ALA E 2 23.55 29.11 -34.01
N LEU E 3 22.93 28.56 -35.05
CA LEU E 3 23.63 27.70 -35.99
C LEU E 3 23.67 28.30 -37.37
N THR E 4 24.84 28.15 -37.98
CA THR E 4 25.19 28.79 -39.25
C THR E 4 25.18 27.74 -40.34
N GLN E 5 24.32 27.98 -41.32
CA GLN E 5 24.17 27.11 -42.47
C GLN E 5 24.27 27.90 -43.75
N PRO E 6 24.83 27.29 -44.79
CA PRO E 6 24.78 28.05 -46.04
C PRO E 6 23.35 28.18 -46.49
N PRO E 7 22.96 29.35 -47.00
CA PRO E 7 21.56 29.57 -47.41
C PRO E 7 21.20 28.59 -48.53
N ALA E 8 22.15 28.36 -49.45
CA ALA E 8 21.88 27.47 -50.58
C ALA E 8 23.13 26.80 -51.14
N VAL E 9 22.94 25.56 -51.60
CA VAL E 9 23.91 24.80 -52.38
C VAL E 9 23.27 24.18 -53.62
N SER E 10 24.08 23.85 -54.63
CA SER E 10 23.55 23.24 -55.83
C SER E 10 24.47 22.09 -56.25
N GLY E 11 23.89 21.10 -56.93
CA GLY E 11 24.64 19.99 -57.49
C GLY E 11 23.86 19.38 -58.64
N THR E 12 24.58 18.75 -59.57
CA THR E 12 23.91 18.00 -60.63
C THR E 12 23.72 16.54 -60.22
N PRO E 13 22.79 15.83 -60.87
CA PRO E 13 22.55 14.43 -60.51
C PRO E 13 23.82 13.60 -60.63
N GLY E 14 24.04 12.69 -59.69
CA GLY E 14 25.19 11.82 -59.70
C GLY E 14 26.38 12.41 -58.95
N GLN E 15 26.30 13.69 -58.62
CA GLN E 15 27.39 14.36 -57.91
C GLN E 15 27.25 14.15 -56.40
N ARG E 16 28.33 14.41 -55.68
CA ARG E 16 28.28 14.38 -54.22
C ARG E 16 28.33 15.80 -53.65
N VAL E 17 27.42 16.13 -52.74
CA VAL E 17 27.40 17.45 -52.10
C VAL E 17 27.35 17.37 -50.56
N THR E 18 27.87 18.39 -49.88
CA THR E 18 27.92 18.44 -48.42
C THR E 18 27.37 19.76 -47.84
N ILE E 19 26.69 19.66 -46.69
CA ILE E 19 26.13 20.84 -46.01
C ILE E 19 26.77 21.03 -44.64
N SER E 20 27.19 22.27 -44.38
CA SER E 20 27.91 22.66 -43.17
C SER E 20 27.08 23.31 -42.07
N CYS E 21 27.55 23.13 -40.83
CA CYS E 21 26.93 23.73 -39.66
C CYS E 21 27.98 24.25 -38.70
N SER E 22 27.92 25.55 -38.42
CA SER E 22 28.86 26.14 -37.49
C SER E 22 28.12 26.59 -36.23
N GLY E 23 28.58 26.06 -35.11
CA GLY E 23 28.02 26.36 -33.80
C GLY E 23 29.14 26.81 -32.90
N SER E 24 28.86 26.94 -31.61
CA SER E 24 29.91 27.30 -30.68
C SER E 24 30.03 26.10 -29.77
N ASP E 25 30.89 26.16 -28.76
CA ASP E 25 31.09 25.03 -27.87
C ASP E 25 29.83 24.75 -27.04
N SER E 26 29.06 25.80 -26.77
CA SER E 26 27.87 25.69 -25.93
C SER E 26 26.79 24.77 -26.52
N ASN E 27 26.76 24.63 -27.83
CA ASN E 27 25.80 23.75 -28.48
C ASN E 27 26.54 22.52 -29.03
N ILE E 28 26.99 22.56 -30.28
CA ILE E 28 27.64 21.44 -30.95
C ILE E 28 28.82 20.86 -30.18
N GLY E 29 29.56 21.74 -29.53
CA GLY E 29 30.76 21.41 -28.79
C GLY E 29 30.50 20.36 -27.73
N ARG E 30 29.32 20.47 -27.12
CA ARG E 30 28.90 19.57 -26.06
C ARG E 30 27.63 18.76 -26.37
N ARG E 31 27.03 18.91 -27.55
CA ARG E 31 25.77 18.23 -27.78
C ARG E 31 25.63 17.41 -29.07
N SER E 32 24.65 16.50 -29.09
CA SER E 32 24.41 15.67 -30.27
C SER E 32 23.71 16.48 -31.35
N VAL E 33 23.84 16.05 -32.60
CA VAL E 33 23.27 16.75 -33.75
C VAL E 33 22.15 16.01 -34.51
N ASN E 34 21.06 16.72 -34.84
CA ASN E 34 20.02 16.14 -35.68
C ASN E 34 19.91 16.87 -37.03
N TRP E 35 19.56 16.14 -38.08
CA TRP E 35 19.39 16.77 -39.38
C TRP E 35 17.96 16.55 -39.84
N TYR E 36 17.34 17.59 -40.37
CA TYR E 36 15.96 17.44 -40.80
C TYR E 36 15.80 17.74 -42.27
N GLN E 37 14.87 17.06 -42.92
CA GLN E 37 14.58 17.29 -44.32
C GLN E 37 13.15 17.73 -44.44
N GLN E 38 12.92 18.86 -45.10
CA GLN E 38 11.55 19.28 -45.28
C GLN E 38 11.33 19.60 -46.73
N PHE E 39 10.26 19.03 -47.27
CA PHE E 39 9.88 19.34 -48.62
C PHE E 39 8.90 20.47 -48.44
N PRO E 40 8.77 21.32 -49.45
CA PRO E 40 7.92 22.51 -49.36
C PRO E 40 6.48 22.21 -48.96
N GLY E 41 5.97 22.94 -47.97
CA GLY E 41 4.58 22.83 -47.57
C GLY E 41 4.23 21.62 -46.72
N THR E 42 5.24 20.85 -46.34
CA THR E 42 5.04 19.65 -45.54
C THR E 42 5.92 19.77 -44.30
N ALA E 43 5.66 18.93 -43.31
CA ALA E 43 6.45 18.96 -42.10
C ALA E 43 7.83 18.40 -42.38
N PRO E 44 8.81 18.81 -41.56
CA PRO E 44 10.18 18.31 -41.72
C PRO E 44 10.22 16.84 -41.41
N LYS E 45 11.27 16.19 -41.90
CA LYS E 45 11.44 14.79 -41.63
C LYS E 45 12.81 14.68 -41.01
N LEU E 46 12.95 13.78 -40.04
CA LEU E 46 14.24 13.60 -39.42
C LEU E 46 15.09 12.70 -40.31
N LEU E 47 16.25 13.22 -40.71
CA LEU E 47 17.16 12.56 -41.63
C LEU E 47 18.30 11.89 -40.91
N ILE E 48 18.90 12.61 -39.99
CA ILE E 48 20.04 12.11 -39.24
C ILE E 48 19.84 12.51 -37.78
N TYR E 49 20.26 11.65 -36.86
CA TYR E 49 20.15 11.96 -35.45
C TYR E 49 21.44 11.47 -34.83
N SER E 50 21.79 12.03 -33.67
CA SER E 50 23.02 11.65 -32.98
C SER E 50 24.22 11.77 -33.93
N ASN E 51 24.26 12.85 -34.70
CA ASN E 51 25.40 13.16 -35.58
C ASN E 51 25.47 12.32 -36.86
N ASP E 52 25.53 11.00 -36.70
CA ASP E 52 25.76 10.09 -37.81
C ASP E 52 24.74 8.96 -38.01
N GLN E 53 23.82 8.83 -37.06
CA GLN E 53 22.82 7.77 -37.11
C GLN E 53 21.75 8.03 -38.17
N ARG E 54 21.35 6.97 -38.87
CA ARG E 54 20.39 7.12 -39.96
C ARG E 54 19.17 6.23 -39.71
N PRO E 55 17.97 6.80 -39.87
CA PRO E 55 16.72 6.04 -39.73
C PRO E 55 16.68 4.91 -40.74
N SER E 56 15.96 3.85 -40.43
CA SER E 56 15.92 2.67 -41.30
C SER E 56 15.44 2.96 -42.74
N VAL E 57 14.46 3.86 -42.87
CA VAL E 57 13.85 4.19 -44.16
C VAL E 57 14.71 5.07 -45.08
N VAL E 58 15.67 5.80 -44.51
CA VAL E 58 16.48 6.77 -45.22
C VAL E 58 17.62 6.13 -46.03
N PRO E 59 17.80 6.57 -47.29
CA PRO E 59 18.79 6.04 -48.24
C PRO E 59 20.22 6.15 -47.69
N ASP E 60 21.07 5.18 -48.05
CA ASP E 60 22.43 5.07 -47.51
C ASP E 60 23.32 6.23 -47.91
N ARG E 61 22.89 6.90 -48.97
CA ARG E 61 23.65 8.01 -49.53
C ARG E 61 23.69 9.19 -48.57
N PHE E 62 22.71 9.29 -47.69
CA PHE E 62 22.78 10.22 -46.57
C PHE E 62 23.68 9.66 -45.47
N SER E 63 24.62 10.47 -45.01
CA SER E 63 25.46 10.10 -43.86
C SER E 63 25.82 11.37 -43.12
N GLY E 64 26.15 11.27 -41.83
CA GLY E 64 26.46 12.48 -41.09
C GLY E 64 27.81 12.42 -40.40
N SER E 65 28.37 13.59 -40.13
CA SER E 65 29.61 13.72 -39.37
C SER E 65 29.63 15.00 -38.56
N LYS E 66 30.41 15.01 -37.48
CA LYS E 66 30.63 16.23 -36.70
C LYS E 66 32.09 16.32 -36.22
N SER E 67 32.66 17.51 -36.32
CA SER E 67 33.96 17.79 -35.71
C SER E 67 34.03 19.15 -35.04
N GLY E 68 34.45 19.15 -33.78
CA GLY E 68 34.56 20.37 -33.00
C GLY E 68 33.22 21.05 -32.80
N THR E 69 33.09 22.25 -33.36
CA THR E 69 31.85 22.99 -33.27
C THR E 69 31.17 23.01 -34.63
N SER E 70 31.64 22.14 -35.53
CA SER E 70 31.04 22.05 -36.84
C SER E 70 30.60 20.61 -37.15
N ALA E 71 29.55 20.51 -37.97
CA ALA E 71 28.97 19.24 -38.38
C ALA E 71 28.70 19.23 -39.88
N SER E 72 28.66 18.05 -40.48
CA SER E 72 28.44 18.00 -41.92
C SER E 72 27.46 16.91 -42.32
N LEU E 73 26.64 17.23 -43.32
CA LEU E 73 25.70 16.29 -43.93
C LEU E 73 26.12 15.98 -45.34
N ALA E 74 26.24 14.70 -45.67
CA ALA E 74 26.72 14.36 -47.01
C ALA E 74 25.71 13.55 -47.82
N ILE E 75 25.44 14.01 -49.03
CA ILE E 75 24.61 13.25 -49.96
C ILE E 75 25.42 12.90 -51.20
N SER E 76 25.75 11.62 -51.34
CA SER E 76 26.45 11.16 -52.53
C SER E 76 25.37 10.66 -53.47
N GLY E 77 25.62 10.71 -54.78
CA GLY E 77 24.63 10.25 -55.74
C GLY E 77 23.29 10.96 -55.62
N LEU E 78 23.34 12.29 -55.77
CA LEU E 78 22.18 13.18 -55.62
C LEU E 78 21.02 12.83 -56.57
N GLN E 79 19.79 12.94 -56.08
CA GLN E 79 18.60 12.65 -56.89
C GLN E 79 17.68 13.86 -56.96
N SER E 80 16.82 13.86 -57.97
CA SER E 80 15.94 14.99 -58.24
C SER E 80 14.98 15.24 -57.08
N GLU E 81 14.54 14.16 -56.46
CA GLU E 81 13.59 14.21 -55.34
C GLU E 81 14.19 14.81 -54.08
N ASP E 82 15.51 14.89 -54.03
CA ASP E 82 16.20 15.43 -52.86
C ASP E 82 16.10 16.93 -52.76
N GLU E 83 15.47 17.58 -53.74
CA GLU E 83 15.39 19.03 -53.74
C GLU E 83 14.47 19.48 -52.63
N ALA E 84 15.05 20.15 -51.63
CA ALA E 84 14.30 20.53 -50.44
C ALA E 84 15.13 21.43 -49.54
N GLU E 85 14.53 21.84 -48.44
CA GLU E 85 15.22 22.67 -47.45
C GLU E 85 15.77 21.79 -46.33
N TYR E 86 16.99 22.07 -45.93
CA TYR E 86 17.64 21.27 -44.89
C TYR E 86 18.04 22.09 -43.68
N TYR E 87 17.68 21.54 -42.52
CA TYR E 87 17.93 22.15 -41.23
C TYR E 87 18.79 21.29 -40.33
N CYS E 88 19.84 21.89 -39.79
CA CYS E 88 20.61 21.32 -38.70
C CYS E 88 20.02 21.72 -37.36
N ALA E 89 20.21 20.88 -36.33
CA ALA E 89 19.69 21.24 -35.01
C ALA E 89 20.58 20.65 -33.93
N ALA E 90 20.57 21.28 -32.76
CA ALA E 90 21.31 20.78 -31.60
C ALA E 90 20.73 21.37 -30.33
N TRP E 91 20.99 20.77 -29.19
CA TRP E 91 20.59 21.37 -27.93
C TRP E 91 21.62 22.44 -27.55
N ASP E 92 21.20 23.59 -27.04
CA ASP E 92 22.19 24.60 -26.66
C ASP E 92 22.19 24.75 -25.13
N ASP E 93 23.35 24.52 -24.51
CA ASP E 93 23.47 24.55 -23.04
C ASP E 93 23.33 25.93 -22.44
N SER E 94 23.74 26.95 -23.17
CA SER E 94 23.57 28.35 -22.73
C SER E 94 22.11 28.80 -22.78
N LEU E 95 21.42 28.46 -23.85
CA LEU E 95 20.03 28.85 -24.02
C LEU E 95 19.09 27.96 -23.21
N LYS E 96 19.54 26.75 -22.90
CA LYS E 96 18.71 25.75 -22.28
C LYS E 96 17.51 25.57 -23.21
N GLY E 97 17.83 25.47 -24.49
CA GLY E 97 16.84 25.32 -25.54
C GLY E 97 17.37 24.61 -26.77
N ALA E 98 16.45 24.10 -27.58
CA ALA E 98 16.81 23.50 -28.85
C ALA E 98 17.05 24.62 -29.84
N VAL E 99 18.05 24.47 -30.70
CA VAL E 99 18.35 25.51 -31.66
C VAL E 99 18.38 24.97 -33.08
N PHE E 100 18.14 25.85 -34.04
CA PHE E 100 18.09 25.45 -35.43
C PHE E 100 18.98 26.35 -36.27
N GLY E 101 19.46 25.79 -37.36
CA GLY E 101 20.16 26.57 -38.36
C GLY E 101 19.21 27.42 -39.17
N GLY E 102 19.77 28.38 -39.89
CA GLY E 102 19.00 29.29 -40.72
C GLY E 102 18.28 28.53 -41.81
N GLY E 103 18.77 27.33 -42.11
CA GLY E 103 18.23 26.52 -43.17
C GLY E 103 19.09 26.61 -44.40
N THR E 104 19.14 25.52 -45.14
CA THR E 104 19.98 25.44 -46.33
C THR E 104 19.13 24.93 -47.46
N GLN E 105 19.08 25.71 -48.55
CA GLN E 105 18.27 25.32 -49.68
C GLN E 105 19.04 24.54 -50.74
N LEU E 106 18.68 23.28 -50.92
CA LEU E 106 19.37 22.52 -51.93
C LEU E 106 18.55 22.55 -53.22
N THR E 107 19.23 22.84 -54.32
CA THR E 107 18.65 22.86 -55.67
C THR E 107 19.34 21.76 -56.44
N VAL E 108 18.56 20.88 -57.06
CA VAL E 108 19.12 19.84 -57.93
C VAL E 108 18.95 20.18 -59.40
N LEU E 109 20.06 20.26 -60.13
CA LEU E 109 19.99 20.83 -61.47
C LEU E 109 19.68 19.75 -62.49
N GLY E 110 18.41 19.66 -62.91
CA GLY E 110 18.01 18.73 -63.95
C GLY E 110 17.64 19.39 -65.27
N GLN E 111 17.89 20.69 -65.37
CA GLN E 111 17.55 21.48 -66.55
C GLN E 111 18.71 22.38 -66.93
N PRO E 112 18.81 22.72 -68.22
CA PRO E 112 19.83 23.71 -68.57
C PRO E 112 19.44 25.12 -68.14
N LYS E 113 20.42 26.00 -67.94
CA LYS E 113 20.13 27.34 -67.52
C LYS E 113 19.18 28.00 -68.50
N ALA E 114 18.20 28.70 -67.95
CA ALA E 114 17.25 29.47 -68.74
C ALA E 114 17.15 30.83 -68.14
N ALA E 115 17.44 31.85 -68.95
CA ALA E 115 17.37 33.21 -68.46
C ALA E 115 15.91 33.62 -68.41
N PRO E 116 15.58 34.55 -67.51
CA PRO E 116 14.18 34.95 -67.29
C PRO E 116 13.62 35.82 -68.39
N SER E 117 12.30 35.80 -68.52
CA SER E 117 11.60 36.79 -69.32
C SER E 117 11.01 37.85 -68.41
N VAL E 118 11.33 39.11 -68.72
CA VAL E 118 10.87 40.23 -67.92
C VAL E 118 9.82 41.02 -68.69
N THR E 119 8.73 41.35 -67.99
CA THR E 119 7.67 42.20 -68.51
C THR E 119 7.26 43.24 -67.48
N LEU E 120 7.25 44.52 -67.86
CA LEU E 120 6.90 45.55 -66.88
C LEU E 120 5.58 46.22 -67.24
N PHE E 121 4.69 46.31 -66.27
CA PHE E 121 3.38 46.92 -66.46
C PHE E 121 3.23 48.28 -65.77
N PRO E 122 2.78 49.30 -66.51
CA PRO E 122 2.45 50.59 -65.89
C PRO E 122 1.13 50.56 -65.11
N PRO E 123 0.94 51.50 -64.16
CA PRO E 123 -0.30 51.50 -63.38
C PRO E 123 -1.51 51.68 -64.29
N SER E 124 -2.62 51.01 -63.99
CA SER E 124 -3.83 51.15 -64.80
C SER E 124 -4.50 52.49 -64.51
N SER E 125 -5.26 52.99 -65.49
CA SER E 125 -5.93 54.28 -65.36
C SER E 125 -6.90 54.19 -64.18
N GLU E 126 -7.55 53.03 -64.06
CA GLU E 126 -8.49 52.77 -62.98
C GLU E 126 -7.81 52.94 -61.61
N GLU E 127 -6.61 52.39 -61.47
CA GLU E 127 -5.93 52.40 -60.17
C GLU E 127 -5.57 53.80 -59.71
N LEU E 128 -5.17 54.63 -60.67
CA LEU E 128 -4.85 56.01 -60.37
C LEU E 128 -6.09 56.76 -59.97
N GLN E 129 -7.19 56.44 -60.64
CA GLN E 129 -8.48 56.99 -60.26
C GLN E 129 -8.82 56.61 -58.81
N ALA E 130 -8.37 55.43 -58.41
CA ALA E 130 -8.49 54.97 -57.03
C ALA E 130 -7.53 55.76 -56.15
N ASN E 131 -6.60 56.48 -56.79
CA ASN E 131 -5.57 57.30 -56.13
C ASN E 131 -4.44 56.44 -55.63
N LYS E 132 -4.30 55.26 -56.23
CA LYS E 132 -3.21 54.34 -55.95
C LYS E 132 -2.42 54.09 -57.24
N ALA E 133 -1.13 53.76 -57.10
CA ALA E 133 -0.36 53.33 -58.26
C ALA E 133 0.46 52.08 -57.92
N THR E 134 0.45 51.11 -58.83
CA THR E 134 1.29 49.94 -58.68
C THR E 134 1.99 49.53 -59.97
N LEU E 135 3.26 49.11 -59.88
CA LEU E 135 3.98 48.67 -61.05
C LEU E 135 4.13 47.18 -60.92
N VAL E 136 3.87 46.43 -61.99
CA VAL E 136 3.98 44.99 -61.88
C VAL E 136 5.05 44.39 -62.78
N CYS E 137 6.00 43.69 -62.18
CA CYS E 137 7.06 43.02 -62.92
C CYS E 137 6.86 41.52 -62.98
N LEU E 138 6.79 40.97 -64.18
CA LEU E 138 6.60 39.54 -64.27
C LEU E 138 7.83 38.87 -64.86
N ILE E 139 8.36 37.93 -64.08
CA ILE E 139 9.57 37.23 -64.44
C ILE E 139 9.21 35.76 -64.63
N SER E 140 9.59 35.22 -65.79
CA SER E 140 9.14 33.89 -66.18
C SER E 140 10.18 33.09 -66.93
N ASP E 141 9.96 31.78 -66.97
CA ASP E 141 10.76 30.87 -67.77
C ASP E 141 12.25 30.91 -67.45
N PHE E 142 12.58 30.90 -66.17
CA PHE E 142 13.98 30.90 -65.75
C PHE E 142 14.32 29.67 -64.90
N TYR E 143 15.50 29.10 -65.16
CA TYR E 143 16.05 28.00 -64.38
C TYR E 143 17.57 28.19 -64.21
N PRO E 144 18.10 27.97 -63.00
CA PRO E 144 17.49 27.57 -61.74
C PRO E 144 16.60 28.66 -61.16
N GLY E 145 15.83 28.30 -60.15
CA GLY E 145 14.87 29.23 -59.58
C GLY E 145 15.37 30.10 -58.47
N ALA E 146 16.33 30.95 -58.80
CA ALA E 146 16.73 31.99 -57.86
C ALA E 146 17.22 33.21 -58.61
N VAL E 147 16.61 34.35 -58.29
CA VAL E 147 16.92 35.62 -58.92
C VAL E 147 16.91 36.73 -57.89
N THR E 148 17.51 37.87 -58.23
CA THR E 148 17.43 39.06 -57.40
C THR E 148 16.85 40.20 -58.24
N VAL E 149 15.89 40.93 -57.67
CA VAL E 149 15.20 42.04 -58.35
C VAL E 149 15.43 43.43 -57.73
N ALA E 150 15.83 44.39 -58.58
CA ALA E 150 16.04 45.77 -58.14
C ALA E 150 15.20 46.77 -58.94
N TRP E 151 14.66 47.77 -58.25
CA TRP E 151 13.78 48.76 -58.86
C TRP E 151 14.47 50.11 -58.89
N LYS E 152 14.29 50.82 -59.99
CA LYS E 152 14.85 52.15 -60.14
C LYS E 152 13.78 53.21 -60.41
N ALA E 153 13.97 54.39 -59.82
CA ALA E 153 13.21 55.58 -60.18
C ALA E 153 14.17 56.45 -60.94
N ASP E 154 13.79 56.82 -62.17
CA ASP E 154 14.73 57.44 -63.11
C ASP E 154 15.91 56.47 -63.28
N SER E 155 17.10 56.91 -62.87
CA SER E 155 18.25 56.03 -62.85
C SER E 155 18.73 55.70 -61.44
N SER E 156 17.93 56.06 -60.42
CA SER E 156 18.32 55.82 -59.02
C SER E 156 17.50 54.75 -58.31
N PRO E 157 18.17 53.87 -57.55
CA PRO E 157 17.45 52.76 -56.90
C PRO E 157 16.43 53.15 -55.83
N VAL E 158 15.38 52.33 -55.71
CA VAL E 158 14.41 52.52 -54.64
C VAL E 158 14.13 51.28 -53.78
N LYS E 159 14.46 51.34 -52.49
CA LYS E 159 14.12 50.26 -51.54
C LYS E 159 12.66 50.27 -51.02
N ALA E 160 12.03 51.43 -50.85
CA ALA E 160 10.74 51.48 -50.16
C ALA E 160 9.57 51.06 -51.08
N GLY E 161 8.63 50.30 -50.50
CA GLY E 161 7.39 49.93 -51.17
C GLY E 161 7.52 48.72 -52.09
N VAL E 162 8.70 48.11 -52.09
CA VAL E 162 8.97 46.97 -52.96
C VAL E 162 8.62 45.67 -52.24
N GLU E 163 7.74 44.88 -52.85
CA GLU E 163 7.36 43.58 -52.30
C GLU E 163 7.46 42.50 -53.39
N THR E 164 8.25 41.48 -53.12
CA THR E 164 8.61 40.49 -54.12
C THR E 164 8.26 39.06 -53.73
N THR E 165 7.54 38.34 -54.60
CA THR E 165 7.25 36.95 -54.29
C THR E 165 8.49 36.09 -54.58
N THR E 166 8.55 34.96 -53.89
CA THR E 166 9.54 33.91 -54.11
C THR E 166 9.18 33.01 -55.29
N PRO E 167 10.21 32.55 -56.03
CA PRO E 167 9.96 31.78 -57.25
C PRO E 167 9.16 30.51 -57.02
N SER E 168 8.35 30.16 -58.00
CA SER E 168 7.53 28.95 -58.00
C SER E 168 7.64 28.27 -59.36
N LYS E 169 7.52 26.94 -59.38
CA LYS E 169 7.70 26.21 -60.63
C LYS E 169 6.55 26.47 -61.60
N GLN E 170 6.89 26.62 -62.89
CA GLN E 170 5.92 26.79 -63.97
C GLN E 170 5.36 25.47 -64.49
N SER E 171 4.42 25.55 -65.42
CA SER E 171 3.89 24.35 -66.07
C SER E 171 4.96 23.63 -66.91
N ASN E 172 5.77 24.42 -67.61
CA ASN E 172 6.87 23.94 -68.45
C ASN E 172 8.15 23.57 -67.66
N ASN E 173 8.02 23.45 -66.34
CA ASN E 173 9.10 23.00 -65.44
C ASN E 173 10.11 24.08 -65.08
N LYS E 174 9.96 25.28 -65.65
CA LYS E 174 10.82 26.42 -65.35
C LYS E 174 10.25 27.17 -64.13
N TYR E 175 10.97 28.15 -63.58
CA TYR E 175 10.44 28.83 -62.38
C TYR E 175 9.89 30.20 -62.79
N ALA E 176 9.00 30.77 -61.98
CA ALA E 176 8.49 32.11 -62.27
C ALA E 176 8.34 32.92 -60.98
N ALA E 177 8.48 34.25 -61.07
CA ALA E 177 8.28 35.14 -59.92
C ALA E 177 7.75 36.52 -60.31
N SER E 178 7.22 37.25 -59.32
CA SER E 178 6.67 38.59 -59.53
C SER E 178 7.11 39.60 -58.48
N SER E 179 7.33 40.86 -58.90
CA SER E 179 7.60 41.93 -57.95
C SER E 179 6.71 43.14 -58.23
N TYR E 180 6.29 43.79 -57.16
CA TYR E 180 5.36 44.92 -57.24
C TYR E 180 5.91 46.19 -56.60
N LEU E 181 5.75 47.33 -57.25
CA LEU E 181 6.09 48.60 -56.65
C LEU E 181 4.85 49.47 -56.46
N SER E 182 4.53 49.78 -55.21
CA SER E 182 3.34 50.55 -54.87
C SER E 182 3.73 52.03 -54.90
N LEU E 183 2.94 52.85 -55.58
CA LEU E 183 3.25 54.27 -55.70
C LEU E 183 2.06 55.20 -55.44
N THR E 184 2.37 56.42 -54.98
CA THR E 184 1.41 57.51 -55.01
C THR E 184 1.43 58.06 -56.43
N PRO E 185 0.26 58.51 -56.92
CA PRO E 185 0.20 58.93 -58.33
C PRO E 185 1.16 60.05 -58.73
N GLU E 186 1.37 61.04 -57.87
CA GLU E 186 2.29 62.14 -58.15
C GLU E 186 3.71 61.68 -58.36
N GLN E 187 4.16 60.72 -57.55
CA GLN E 187 5.51 60.18 -57.65
C GLN E 187 5.65 59.55 -59.03
N TRP E 188 4.62 58.81 -59.42
CA TRP E 188 4.57 58.15 -60.71
C TRP E 188 4.53 59.24 -61.78
N LYS E 189 3.67 60.24 -61.57
CA LYS E 189 3.57 61.35 -62.52
C LYS E 189 4.86 62.15 -62.62
N SER E 190 5.47 62.45 -61.48
CA SER E 190 6.66 63.32 -61.43
C SER E 190 7.91 62.74 -62.11
N HIS E 191 8.24 61.50 -61.79
CA HIS E 191 9.49 60.91 -62.25
C HIS E 191 9.37 60.49 -63.71
N ARG E 192 10.46 60.70 -64.44
CA ARG E 192 10.53 60.43 -65.89
C ARG E 192 10.37 58.97 -66.26
N SER E 193 11.02 58.08 -65.49
CA SER E 193 11.00 56.65 -65.77
C SER E 193 11.14 55.85 -64.50
N TYR E 194 10.66 54.61 -64.55
CA TYR E 194 10.86 53.69 -63.46
C TYR E 194 11.41 52.41 -64.07
N SER E 195 12.33 51.72 -63.40
CA SER E 195 12.93 50.59 -64.08
C SER E 195 12.96 49.36 -63.19
N CYS E 196 12.93 48.18 -63.81
CA CYS E 196 13.07 46.93 -63.07
C CYS E 196 14.24 46.10 -63.54
N GLN E 197 15.14 45.79 -62.61
CA GLN E 197 16.32 44.98 -62.92
C GLN E 197 16.31 43.58 -62.32
N VAL E 198 16.28 42.56 -63.17
CA VAL E 198 16.27 41.19 -62.67
C VAL E 198 17.64 40.61 -62.97
N THR E 199 18.27 40.02 -61.97
CA THR E 199 19.59 39.43 -62.17
C THR E 199 19.51 37.94 -61.91
N HIS E 200 19.86 37.16 -62.92
CA HIS E 200 19.82 35.71 -62.86
C HIS E 200 21.14 35.07 -63.28
N GLU E 201 21.75 34.35 -62.34
CA GLU E 201 23.01 33.66 -62.59
C GLU E 201 24.08 34.61 -63.13
N GLY E 202 24.11 35.82 -62.59
CA GLY E 202 25.12 36.79 -63.00
C GLY E 202 24.77 37.62 -64.23
N SER E 203 23.56 37.45 -64.77
CA SER E 203 23.15 38.20 -65.94
C SER E 203 21.95 39.13 -65.66
N THR E 204 22.09 40.39 -66.03
CA THR E 204 21.07 41.39 -65.68
C THR E 204 20.15 41.74 -66.86
N VAL E 205 18.85 41.68 -66.60
CA VAL E 205 17.81 42.12 -67.53
C VAL E 205 17.01 43.32 -67.00
N GLU E 206 16.75 44.30 -67.86
CA GLU E 206 16.01 45.49 -67.42
C GLU E 206 14.85 45.86 -68.35
N LYS E 207 13.75 46.30 -67.76
CA LYS E 207 12.65 46.83 -68.54
C LYS E 207 12.24 48.16 -67.90
N THR E 208 11.77 49.10 -68.71
CA THR E 208 11.42 50.43 -68.21
C THR E 208 10.08 50.92 -68.77
N VAL E 209 9.29 51.60 -67.95
CA VAL E 209 8.06 52.23 -68.43
C VAL E 209 8.00 53.71 -68.02
N ALA E 210 7.36 54.53 -68.85
CA ALA E 210 7.21 55.96 -68.57
C ALA E 210 5.76 56.46 -68.65
N PRO E 211 5.43 57.47 -67.85
CA PRO E 211 4.11 58.12 -67.94
C PRO E 211 3.95 58.98 -69.19
N GLN F 1 0.68 2.01 -35.47
CA GLN F 1 1.56 3.15 -35.68
C GLN F 1 0.94 4.47 -35.21
N VAL F 2 1.72 5.30 -34.53
CA VAL F 2 1.26 6.61 -34.05
C VAL F 2 1.25 7.72 -35.12
N GLN F 3 0.24 8.60 -35.07
CA GLN F 3 0.18 9.83 -35.89
C GLN F 3 -0.26 11.05 -35.09
N LEU F 4 0.35 12.20 -35.39
CA LEU F 4 0.01 13.46 -34.74
C LEU F 4 -0.93 14.36 -35.52
N VAL F 5 -2.06 14.67 -34.89
CA VAL F 5 -3.10 15.49 -35.51
C VAL F 5 -3.34 16.81 -34.75
N GLN F 6 -3.06 17.93 -35.43
CA GLN F 6 -3.11 19.27 -34.88
C GLN F 6 -4.45 19.92 -35.21
N SER F 7 -4.86 20.92 -34.41
CA SER F 7 -6.11 21.60 -34.69
C SER F 7 -5.89 22.37 -36.04
N GLY F 8 -6.97 22.82 -36.69
CA GLY F 8 -6.83 23.50 -37.93
C GLY F 8 -6.26 24.89 -37.80
N ALA F 9 -6.01 25.53 -38.94
CA ALA F 9 -5.37 26.84 -38.99
C ALA F 9 -6.21 27.91 -38.30
N GLU F 10 -5.54 28.88 -37.70
CA GLU F 10 -6.22 29.95 -36.97
C GLU F 10 -5.87 31.36 -37.47
N VAL F 11 -6.83 32.28 -37.40
CA VAL F 11 -6.58 33.72 -37.59
C VAL F 11 -7.15 34.51 -36.43
N LYS F 12 -6.31 35.32 -35.80
CA LYS F 12 -6.72 36.05 -34.62
C LYS F 12 -6.32 37.54 -34.75
N LYS F 13 -7.04 38.47 -34.13
CA LYS F 13 -6.59 39.85 -34.11
C LYS F 13 -5.47 39.93 -33.06
N PRO F 14 -4.51 40.85 -33.27
CA PRO F 14 -3.38 41.02 -32.37
C PRO F 14 -3.77 41.32 -30.92
N GLY F 15 -2.91 40.84 -30.01
CA GLY F 15 -3.04 41.00 -28.58
C GLY F 15 -3.94 39.94 -27.98
N SER F 16 -4.68 39.22 -28.81
CA SER F 16 -5.50 38.13 -28.31
C SER F 16 -4.54 36.95 -28.20
N SER F 17 -5.06 35.79 -27.84
CA SER F 17 -4.23 34.61 -27.71
C SER F 17 -4.82 33.46 -28.49
N VAL F 18 -3.99 32.50 -28.87
CA VAL F 18 -4.51 31.39 -29.63
C VAL F 18 -3.96 30.14 -28.97
N LYS F 19 -4.80 29.14 -28.91
CA LYS F 19 -4.43 27.87 -28.34
C LYS F 19 -4.54 26.81 -29.43
N VAL F 20 -3.47 26.06 -29.59
CA VAL F 20 -3.37 25.07 -30.64
C VAL F 20 -3.30 23.71 -30.01
N SER F 21 -3.98 22.75 -30.62
CA SER F 21 -4.08 21.43 -30.03
C SER F 21 -3.32 20.43 -30.87
N CYS F 22 -2.77 19.44 -30.18
CA CYS F 22 -2.12 18.31 -30.80
C CYS F 22 -2.51 16.96 -30.25
N LYS F 23 -3.27 16.21 -31.03
CA LYS F 23 -3.75 14.92 -30.54
C LYS F 23 -2.84 13.77 -30.92
N SER F 24 -2.45 12.96 -29.95
CA SER F 24 -1.65 11.78 -30.28
C SER F 24 -2.64 10.66 -30.61
N SER F 25 -2.86 10.40 -31.88
CA SER F 25 -3.88 9.44 -32.32
C SER F 25 -3.28 8.08 -32.68
N GLY F 26 -3.87 6.97 -32.21
CA GLY F 26 -3.28 5.67 -32.49
C GLY F 26 -2.29 5.09 -31.50
N GLY F 27 -2.14 5.77 -30.38
CA GLY F 27 -1.26 5.34 -29.31
C GLY F 27 -1.03 6.51 -28.39
N THR F 28 -0.16 6.35 -27.41
CA THR F 28 0.16 7.45 -26.51
C THR F 28 1.53 8.02 -26.76
N SER F 29 1.72 9.28 -26.42
CA SER F 29 3.03 9.87 -26.56
C SER F 29 3.46 10.35 -25.19
N ASN F 30 2.74 9.93 -24.16
CA ASN F 30 3.00 10.43 -22.81
C ASN F 30 4.41 10.14 -22.33
N ASN F 31 4.96 9.03 -22.80
CA ASN F 31 6.32 8.64 -22.42
C ASN F 31 7.41 9.27 -23.29
N TYR F 32 6.98 10.16 -24.18
CA TYR F 32 7.92 10.89 -25.02
C TYR F 32 7.87 12.40 -24.78
N ALA F 33 8.95 13.10 -25.11
CA ALA F 33 8.90 14.56 -25.10
C ALA F 33 8.34 15.07 -26.42
N ILE F 34 7.50 16.10 -26.34
CA ILE F 34 6.96 16.76 -27.51
C ILE F 34 7.31 18.23 -27.49
N SER F 35 7.74 18.74 -28.64
CA SER F 35 8.16 20.12 -28.74
C SER F 35 7.28 20.89 -29.69
N TRP F 36 7.25 22.19 -29.51
CA TRP F 36 6.53 23.05 -30.43
C TRP F 36 7.60 23.86 -31.10
N VAL F 37 7.55 23.86 -32.42
CA VAL F 37 8.55 24.53 -33.22
C VAL F 37 7.80 25.35 -34.23
N ARG F 38 8.27 26.56 -34.46
CA ARG F 38 7.56 27.43 -35.34
C ARG F 38 8.41 27.81 -36.51
N GLN F 39 7.73 27.96 -37.63
CA GLN F 39 8.37 28.38 -38.83
C GLN F 39 7.64 29.60 -39.34
N ALA F 40 8.36 30.71 -39.38
CA ALA F 40 7.81 31.93 -39.91
C ALA F 40 7.87 31.71 -41.41
N PRO F 41 7.02 32.42 -42.18
CA PRO F 41 6.97 32.16 -43.62
C PRO F 41 8.31 32.29 -44.33
N GLY F 42 8.77 31.22 -44.98
CA GLY F 42 10.06 31.25 -45.63
C GLY F 42 11.23 31.39 -44.69
N GLN F 43 11.07 30.91 -43.46
CA GLN F 43 12.09 31.09 -42.44
C GLN F 43 12.50 29.77 -41.82
N GLY F 44 13.56 29.81 -41.02
CA GLY F 44 14.05 28.61 -40.39
C GLY F 44 13.15 28.19 -39.25
N LEU F 45 13.44 27.01 -38.72
CA LEU F 45 12.74 26.49 -37.56
C LEU F 45 13.11 27.25 -36.29
N ASP F 46 12.13 27.41 -35.42
CA ASP F 46 12.36 28.16 -34.20
C ASP F 46 11.76 27.34 -33.07
N TRP F 47 12.61 26.98 -32.11
CA TRP F 47 12.16 26.17 -31.00
C TRP F 47 11.43 27.10 -30.04
N MET F 48 10.21 26.75 -29.63
CA MET F 48 9.51 27.57 -28.66
C MET F 48 9.64 26.97 -27.27
N GLY F 49 9.65 25.66 -27.22
CA GLY F 49 9.64 24.95 -25.97
C GLY F 49 9.06 23.58 -26.21
N GLY F 50 8.92 22.81 -25.14
CA GLY F 50 8.48 21.43 -25.25
C GLY F 50 7.91 20.94 -23.94
N ILE F 51 7.23 19.79 -24.00
CA ILE F 51 6.69 19.18 -22.79
C ILE F 51 6.83 17.66 -22.81
N SER F 52 7.20 17.13 -21.66
CA SER F 52 7.27 15.70 -21.41
C SER F 52 6.44 15.34 -20.18
N PRO F 53 5.19 14.90 -20.41
CA PRO F 53 4.09 14.81 -19.43
C PRO F 53 4.30 13.84 -18.25
N ILE F 54 4.82 12.64 -18.48
CA ILE F 54 5.02 11.67 -17.40
C ILE F 54 6.26 12.03 -16.58
N PHE F 55 7.29 12.51 -17.27
CA PHE F 55 8.52 12.92 -16.62
C PHE F 55 8.27 14.09 -15.67
N GLY F 56 7.40 15.01 -16.11
CA GLY F 56 6.99 16.15 -15.32
C GLY F 56 7.70 17.41 -15.71
N SER F 57 8.28 17.41 -16.91
CA SER F 57 9.01 18.60 -17.36
C SER F 57 8.29 19.43 -18.42
N THR F 58 8.34 20.74 -18.22
CA THR F 58 7.95 21.67 -19.24
C THR F 58 9.03 22.75 -19.41
N ALA F 59 9.52 22.89 -20.64
CA ALA F 59 10.66 23.73 -20.94
C ALA F 59 10.21 24.75 -21.97
N TYR F 60 10.82 25.91 -21.93
CA TYR F 60 10.50 27.00 -22.82
C TYR F 60 11.76 27.59 -23.43
N ALA F 61 11.67 28.03 -24.68
CA ALA F 61 12.78 28.79 -25.22
C ALA F 61 12.76 30.08 -24.41
N GLN F 62 13.93 30.66 -24.22
CA GLN F 62 14.08 31.86 -23.41
C GLN F 62 13.33 33.05 -24.02
N LYS F 63 13.40 33.17 -25.34
CA LYS F 63 12.77 34.27 -26.04
C LYS F 63 11.24 34.23 -25.92
N PHE F 64 10.66 33.04 -25.85
CA PHE F 64 9.21 32.93 -25.78
C PHE F 64 8.68 32.85 -24.35
N GLN F 65 9.56 32.98 -23.36
CA GLN F 65 9.19 32.90 -21.94
C GLN F 65 8.23 33.97 -21.41
N GLY F 66 7.20 33.55 -20.68
CA GLY F 66 6.29 34.50 -20.08
C GLY F 66 5.16 34.83 -21.04
N ARG F 67 5.35 34.39 -22.27
CA ARG F 67 4.39 34.66 -23.33
C ARG F 67 3.74 33.37 -23.82
N VAL F 68 4.35 32.24 -23.51
CA VAL F 68 3.86 30.99 -24.03
C VAL F 68 3.46 30.06 -22.90
N THR F 69 2.38 29.33 -23.10
CA THR F 69 1.99 28.34 -22.13
C THR F 69 1.84 27.06 -22.91
N ILE F 70 2.60 26.07 -22.50
CA ILE F 70 2.58 24.79 -23.16
C ILE F 70 1.98 23.88 -22.14
N SER F 71 0.97 23.10 -22.53
CA SER F 71 0.31 22.27 -21.55
C SER F 71 -0.04 20.92 -22.13
N ALA F 72 -0.31 19.95 -21.26
CA ALA F 72 -0.65 18.62 -21.71
C ALA F 72 -1.78 18.00 -20.92
N ASP F 73 -2.61 17.21 -21.60
CA ASP F 73 -3.61 16.39 -20.91
C ASP F 73 -3.25 14.91 -21.11
N ILE F 74 -2.82 14.23 -20.05
CA ILE F 74 -2.39 12.84 -20.17
C ILE F 74 -3.51 11.87 -20.57
N PHE F 75 -4.73 12.17 -20.15
CA PHE F 75 -5.89 11.31 -20.44
C PHE F 75 -6.20 11.30 -21.93
N SER F 76 -6.15 12.46 -22.56
CA SER F 76 -6.53 12.56 -23.97
C SER F 76 -5.36 12.44 -24.94
N ASN F 77 -4.14 12.28 -24.43
CA ASN F 77 -2.95 12.19 -25.29
C ASN F 77 -2.79 13.43 -26.15
N THR F 78 -3.14 14.58 -25.59
CA THR F 78 -3.12 15.81 -26.35
C THR F 78 -2.28 16.89 -25.71
N ALA F 79 -1.49 17.58 -26.56
CA ALA F 79 -0.62 18.64 -26.10
C ALA F 79 -1.14 19.96 -26.66
N TYR F 80 -0.96 21.01 -25.88
CA TYR F 80 -1.50 22.30 -26.27
C TYR F 80 -0.41 23.35 -26.26
N MET F 81 -0.51 24.32 -27.17
CA MET F 81 0.42 25.42 -27.15
C MET F 81 -0.39 26.69 -27.20
N GLU F 82 -0.04 27.63 -26.34
CA GLU F 82 -0.74 28.90 -26.27
C GLU F 82 0.26 30.01 -26.30
N LEU F 83 0.05 30.95 -27.19
CA LEU F 83 0.99 32.04 -27.30
C LEU F 83 0.12 33.24 -26.97
N ASN F 84 0.71 34.24 -26.34
CA ASN F 84 -0.11 35.32 -25.83
C ASN F 84 0.38 36.65 -26.35
N SER F 85 -0.47 37.68 -26.29
CA SER F 85 -0.08 39.03 -26.70
C SER F 85 0.48 38.96 -28.12
N LEU F 86 -0.31 38.37 -29.01
CA LEU F 86 0.10 38.14 -30.39
C LEU F 86 0.41 39.42 -31.17
N THR F 87 1.42 39.34 -32.04
CA THR F 87 1.70 40.41 -32.99
C THR F 87 1.87 39.87 -34.40
N SER F 88 2.10 40.76 -35.36
CA SER F 88 2.25 40.37 -36.76
C SER F 88 3.43 39.44 -36.95
N GLU F 89 4.46 39.66 -36.13
CA GLU F 89 5.67 38.85 -36.18
C GLU F 89 5.44 37.40 -35.76
N ASP F 90 4.32 37.13 -35.10
CA ASP F 90 4.01 35.79 -34.66
C ASP F 90 3.27 34.95 -35.70
N THR F 91 2.93 35.55 -36.84
CA THR F 91 2.28 34.80 -37.90
C THR F 91 3.25 33.75 -38.45
N ALA F 92 2.81 32.49 -38.46
CA ALA F 92 3.69 31.39 -38.86
C ALA F 92 2.93 30.08 -38.94
N VAL F 93 3.66 29.02 -39.26
CA VAL F 93 3.14 27.67 -39.15
C VAL F 93 3.81 27.05 -37.94
N TYR F 94 3.00 26.45 -37.08
CA TYR F 94 3.52 25.90 -35.85
C TYR F 94 3.39 24.39 -35.93
N PHE F 95 4.50 23.72 -35.66
CA PHE F 95 4.53 22.27 -35.73
C PHE F 95 4.68 21.72 -34.34
N CYS F 96 4.17 20.52 -34.17
CA CYS F 96 4.45 19.69 -33.02
C CYS F 96 5.27 18.50 -33.48
N ALA F 97 6.21 18.07 -32.65
CA ALA F 97 7.07 16.96 -33.02
C ALA F 97 7.33 16.10 -31.80
N ARG F 98 7.37 14.80 -31.99
CA ARG F 98 7.63 13.89 -30.87
C ARG F 98 9.08 13.44 -30.93
N HIS F 99 9.77 13.54 -29.80
CA HIS F 99 11.16 13.11 -29.71
C HIS F 99 11.36 11.60 -29.67
N GLY F 100 12.61 11.19 -29.79
CA GLY F 100 13.01 9.79 -29.67
C GLY F 100 12.84 9.20 -28.29
N ASN F 101 12.89 10.06 -27.28
CA ASN F 101 12.79 9.62 -25.89
C ASN F 101 11.92 10.56 -25.06
N TYR F 102 12.03 10.46 -23.74
CA TYR F 102 11.28 11.33 -22.84
C TYR F 102 11.74 12.78 -22.83
N TYR F 103 12.89 13.06 -23.45
CA TYR F 103 13.54 14.37 -23.34
C TYR F 103 13.88 14.98 -24.70
N TYR F 104 14.28 16.24 -24.70
CA TYR F 104 14.38 17.01 -25.93
C TYR F 104 15.69 16.84 -26.70
N TYR F 105 16.63 16.07 -26.15
CA TYR F 105 17.91 15.88 -26.83
C TYR F 105 17.71 14.99 -28.06
N SER F 106 16.85 13.98 -27.95
CA SER F 106 16.69 13.01 -29.02
C SER F 106 16.07 13.70 -30.23
N GLY F 107 16.34 13.17 -31.43
CA GLY F 107 15.80 13.75 -32.65
C GLY F 107 14.28 13.62 -32.68
N MET F 108 13.62 14.58 -33.33
CA MET F 108 12.18 14.55 -33.44
C MET F 108 11.76 13.84 -34.72
N ASP F 109 11.21 12.63 -34.59
CA ASP F 109 11.01 11.79 -35.76
C ASP F 109 9.54 11.66 -36.17
N VAL F 110 8.64 12.13 -35.32
CA VAL F 110 7.23 12.15 -35.66
C VAL F 110 6.68 13.56 -35.53
N TRP F 111 6.07 14.04 -36.61
CA TRP F 111 5.63 15.43 -36.76
C TRP F 111 4.15 15.55 -37.08
N GLY F 112 3.53 16.57 -36.50
CA GLY F 112 2.14 16.87 -36.76
C GLY F 112 2.03 17.48 -38.13
N GLN F 113 0.82 17.58 -38.65
CA GLN F 113 0.61 18.16 -39.97
C GLN F 113 0.99 19.62 -39.96
N GLY F 114 0.95 20.25 -38.79
CA GLY F 114 1.29 21.65 -38.72
C GLY F 114 0.04 22.48 -38.68
N THR F 115 0.10 23.59 -37.94
CA THR F 115 -1.06 24.46 -37.87
C THR F 115 -0.60 25.86 -38.23
N THR F 116 -1.34 26.46 -39.14
CA THR F 116 -1.02 27.77 -39.65
C THR F 116 -1.68 28.79 -38.73
N VAL F 117 -0.93 29.78 -38.28
CA VAL F 117 -1.52 30.82 -37.45
C VAL F 117 -1.23 32.19 -38.03
N THR F 118 -2.29 32.97 -38.24
CA THR F 118 -2.13 34.26 -38.88
C THR F 118 -2.56 35.45 -38.03
N VAL F 119 -1.63 36.38 -37.82
CA VAL F 119 -1.91 37.59 -37.05
C VAL F 119 -2.06 38.76 -38.01
N SER F 120 -3.27 39.28 -38.13
CA SER F 120 -3.50 40.44 -38.98
C SER F 120 -4.53 41.32 -38.30
N SER F 121 -4.31 42.63 -38.37
CA SER F 121 -5.20 43.58 -37.69
C SER F 121 -6.44 43.86 -38.50
N ALA F 122 -6.60 43.12 -39.59
CA ALA F 122 -7.70 43.31 -40.52
C ALA F 122 -8.89 42.37 -40.26
N SER F 123 -9.99 42.69 -40.92
CA SER F 123 -11.18 41.85 -40.95
C SER F 123 -11.46 41.57 -42.42
N THR F 124 -12.44 40.71 -42.67
CA THR F 124 -12.76 40.26 -44.02
C THR F 124 -12.97 41.41 -45.01
N LYS F 125 -12.33 41.36 -46.17
CA LYS F 125 -12.45 42.43 -47.15
C LYS F 125 -12.47 41.85 -48.57
N GLY F 126 -13.17 42.55 -49.47
CA GLY F 126 -13.23 42.15 -50.87
C GLY F 126 -12.05 42.68 -51.64
N PRO F 127 -11.61 41.91 -52.66
CA PRO F 127 -10.47 42.30 -53.49
C PRO F 127 -10.82 43.43 -54.44
N SER F 128 -9.81 44.21 -54.83
CA SER F 128 -10.00 45.17 -55.89
C SER F 128 -9.24 44.68 -57.09
N VAL F 129 -9.92 44.59 -58.23
CA VAL F 129 -9.28 44.06 -59.41
C VAL F 129 -9.03 45.13 -60.47
N PHE F 130 -7.86 45.07 -61.09
CA PHE F 130 -7.47 46.02 -62.11
C PHE F 130 -6.83 45.24 -63.25
N PRO F 131 -7.19 45.60 -64.49
CA PRO F 131 -6.61 44.89 -65.64
C PRO F 131 -5.14 45.21 -65.87
N LEU F 132 -4.36 44.21 -66.26
CA LEU F 132 -3.00 44.48 -66.71
C LEU F 132 -3.01 44.37 -68.22
N ALA F 133 -3.05 45.51 -68.89
CA ALA F 133 -3.23 45.55 -70.34
C ALA F 133 -2.01 44.97 -71.01
N PRO F 134 -2.21 44.23 -72.11
CA PRO F 134 -1.12 43.58 -72.86
C PRO F 134 -0.18 44.62 -73.48
N SER F 135 0.41 45.49 -72.64
CA SER F 135 1.29 46.53 -73.15
C SER F 135 2.61 45.96 -73.71
N SER F 136 3.14 44.94 -73.04
CA SER F 136 4.47 44.40 -73.35
C SER F 136 4.40 42.99 -73.92
N LYS F 137 5.54 42.44 -74.30
CA LYS F 137 5.60 41.19 -75.04
C LYS F 137 7.01 40.69 -74.74
N GLY F 142 6.28 38.19 -81.18
CA GLY F 142 5.16 37.47 -81.75
C GLY F 142 4.26 36.87 -80.69
N THR F 143 4.65 37.04 -79.44
CA THR F 143 3.91 36.50 -78.29
C THR F 143 3.72 37.62 -77.27
N ALA F 144 2.64 37.56 -76.51
CA ALA F 144 2.36 38.64 -75.58
C ALA F 144 1.82 38.20 -74.23
N ALA F 145 1.88 39.11 -73.26
CA ALA F 145 1.37 38.85 -71.92
C ALA F 145 0.40 39.89 -71.40
N LEU F 146 -0.71 39.41 -70.84
CA LEU F 146 -1.70 40.25 -70.20
C LEU F 146 -2.09 39.52 -68.93
N GLY F 147 -2.63 40.25 -67.97
CA GLY F 147 -2.96 39.62 -66.70
C GLY F 147 -3.89 40.42 -65.83
N CYS F 148 -4.13 39.88 -64.64
CA CYS F 148 -4.98 40.54 -63.67
C CYS F 148 -4.28 40.70 -62.33
N LEU F 149 -4.46 41.88 -61.76
CA LEU F 149 -3.96 42.18 -60.44
C LEU F 149 -5.12 42.15 -59.46
N VAL F 150 -4.98 41.30 -58.45
CA VAL F 150 -5.94 41.18 -57.37
C VAL F 150 -5.38 41.91 -56.16
N LYS F 151 -6.05 42.96 -55.75
CA LYS F 151 -5.47 43.92 -54.82
C LYS F 151 -6.31 44.02 -53.56
N ASP F 152 -5.62 44.00 -52.42
CA ASP F 152 -6.21 44.36 -51.14
C ASP F 152 -7.38 43.44 -50.74
N TYR F 153 -7.10 42.17 -50.50
CA TYR F 153 -8.16 41.26 -50.04
C TYR F 153 -7.78 40.49 -48.77
N PHE F 154 -8.73 40.36 -47.86
CA PHE F 154 -8.53 39.62 -46.60
C PHE F 154 -9.76 38.78 -46.26
N PRO F 155 -9.54 37.59 -45.68
CA PRO F 155 -8.26 36.88 -45.60
C PRO F 155 -8.06 35.98 -46.80
N GLU F 156 -7.00 35.18 -46.78
CA GLU F 156 -6.79 34.19 -47.83
C GLU F 156 -7.88 33.15 -47.82
N PRO F 157 -8.20 32.56 -48.98
CA PRO F 157 -7.49 32.59 -50.26
C PRO F 157 -8.41 33.06 -51.41
N VAL F 158 -7.84 33.50 -52.53
CA VAL F 158 -8.66 33.89 -53.67
C VAL F 158 -8.35 33.00 -54.88
N THR F 159 -9.39 32.62 -55.62
CA THR F 159 -9.20 31.79 -56.81
C THR F 159 -9.34 32.60 -58.09
N VAL F 160 -8.49 32.32 -59.06
CA VAL F 160 -8.51 33.04 -60.33
C VAL F 160 -8.54 32.03 -61.48
N SER F 161 -9.39 32.29 -62.45
CA SER F 161 -9.49 31.46 -63.63
C SER F 161 -9.66 32.41 -64.80
N TRP F 162 -9.43 31.92 -66.02
CA TRP F 162 -9.57 32.80 -67.15
C TRP F 162 -10.65 32.35 -68.11
N ASN F 163 -11.50 33.29 -68.51
CA ASN F 163 -12.58 33.01 -69.45
C ASN F 163 -13.46 31.87 -68.97
N SER F 164 -13.86 31.93 -67.70
CA SER F 164 -14.73 30.93 -67.09
C SER F 164 -14.05 29.56 -67.05
N GLY F 165 -12.72 29.55 -67.00
CA GLY F 165 -11.99 28.30 -66.86
C GLY F 165 -11.73 27.62 -68.19
N ALA F 166 -12.18 28.26 -69.26
CA ALA F 166 -11.96 27.82 -70.64
C ALA F 166 -10.48 27.88 -71.03
N LEU F 167 -9.76 28.85 -70.48
CA LEU F 167 -8.35 29.04 -70.80
C LEU F 167 -7.43 28.43 -69.75
N THR F 168 -6.65 27.43 -70.16
CA THR F 168 -5.78 26.73 -69.23
C THR F 168 -4.34 26.79 -69.69
N SER F 169 -4.15 26.94 -71.01
CA SER F 169 -2.83 26.89 -71.60
C SER F 169 -2.07 28.18 -71.25
N GLY F 170 -0.81 28.08 -70.84
CA GLY F 170 -0.05 29.30 -70.63
C GLY F 170 -0.50 30.19 -69.49
N VAL F 171 -1.23 29.63 -68.52
CA VAL F 171 -1.78 30.43 -67.44
C VAL F 171 -0.94 30.23 -66.18
N HIS F 172 -0.54 31.36 -65.56
CA HIS F 172 0.12 31.31 -64.26
C HIS F 172 -0.49 32.25 -63.23
N THR F 173 -0.80 31.69 -62.07
CA THR F 173 -1.32 32.46 -60.93
C THR F 173 -0.29 32.57 -59.80
N PHE F 174 0.08 33.79 -59.42
CA PHE F 174 1.16 33.99 -58.43
C PHE F 174 0.82 33.73 -56.98
N PRO F 175 1.85 33.49 -56.16
CA PRO F 175 1.64 33.50 -54.71
C PRO F 175 1.22 34.91 -54.31
N ALA F 176 0.44 35.02 -53.24
CA ALA F 176 0.02 36.31 -52.74
C ALA F 176 1.15 37.03 -52.02
N VAL F 177 0.99 38.34 -51.86
CA VAL F 177 1.91 39.07 -51.02
C VAL F 177 1.14 39.65 -49.85
N LEU F 178 1.75 39.65 -48.67
CA LEU F 178 1.14 40.26 -47.52
C LEU F 178 1.72 41.65 -47.41
N GLN F 179 0.90 42.68 -47.57
CA GLN F 179 1.47 44.01 -47.61
C GLN F 179 1.74 44.48 -46.18
N SER F 180 2.50 45.56 -46.07
CA SER F 180 2.76 46.20 -44.80
C SER F 180 1.43 46.64 -44.20
N SER F 181 0.51 47.02 -45.08
CA SER F 181 -0.83 47.46 -44.70
C SER F 181 -1.63 46.33 -44.04
N GLY F 182 -1.18 45.10 -44.24
CA GLY F 182 -1.81 43.92 -43.66
C GLY F 182 -2.83 43.24 -44.55
N LEU F 183 -2.93 43.69 -45.79
CA LEU F 183 -3.90 43.15 -46.76
C LEU F 183 -3.15 42.36 -47.82
N TYR F 184 -3.71 41.22 -48.21
CA TYR F 184 -3.12 40.42 -49.28
C TYR F 184 -3.38 41.00 -50.67
N SER F 185 -2.44 40.76 -51.59
CA SER F 185 -2.66 41.08 -53.01
C SER F 185 -1.92 40.03 -53.84
N LEU F 186 -2.42 39.73 -55.03
CA LEU F 186 -1.72 38.81 -55.92
C LEU F 186 -2.08 39.04 -57.38
N SER F 187 -1.32 38.44 -58.28
CA SER F 187 -1.56 38.62 -59.70
C SER F 187 -1.70 37.28 -60.38
N SER F 188 -2.54 37.23 -61.41
CA SER F 188 -2.63 36.06 -62.26
C SER F 188 -2.39 36.55 -63.68
N VAL F 189 -1.60 35.81 -64.44
CA VAL F 189 -1.20 36.24 -65.77
C VAL F 189 -1.33 35.08 -66.75
N VAL F 190 -1.57 35.42 -68.01
CA VAL F 190 -1.50 34.43 -69.08
C VAL F 190 -0.81 35.05 -70.28
N THR F 191 0.00 34.24 -70.96
CA THR F 191 0.74 34.66 -72.13
C THR F 191 0.04 34.13 -73.37
N VAL F 192 -0.18 35.04 -74.32
CA VAL F 192 -1.00 34.77 -75.51
C VAL F 192 -0.30 35.19 -76.80
N PRO F 193 -0.75 34.63 -77.94
CA PRO F 193 -0.17 35.13 -79.20
C PRO F 193 -0.58 36.55 -79.51
N SER F 194 0.34 37.33 -80.08
CA SER F 194 0.09 38.74 -80.33
C SER F 194 -1.01 38.90 -81.38
N SER F 195 -1.06 37.95 -82.30
CA SER F 195 -2.02 38.00 -83.41
C SER F 195 -3.47 38.01 -82.91
N SER F 196 -3.72 37.22 -81.88
CA SER F 196 -5.08 36.96 -81.38
C SER F 196 -5.70 38.07 -80.53
N LEU F 197 -4.98 39.16 -80.31
CA LEU F 197 -5.42 40.18 -79.36
C LEU F 197 -6.65 40.95 -79.81
N GLY F 198 -6.62 41.39 -81.06
CA GLY F 198 -7.70 42.17 -81.64
C GLY F 198 -8.95 41.33 -81.78
N THR F 199 -8.73 40.07 -82.16
CA THR F 199 -9.83 39.13 -82.40
C THR F 199 -10.50 38.56 -81.15
N GLN F 200 -9.71 38.10 -80.19
CA GLN F 200 -10.24 37.24 -79.15
C GLN F 200 -10.32 38.05 -77.86
N THR F 201 -11.41 37.96 -77.12
CA THR F 201 -11.59 38.77 -75.93
C THR F 201 -11.22 37.94 -74.70
N TYR F 202 -10.64 38.59 -73.68
CA TYR F 202 -10.21 37.89 -72.47
C TYR F 202 -10.77 38.47 -71.18
N ILE F 203 -11.33 37.57 -70.38
CA ILE F 203 -11.97 37.88 -69.11
C ILE F 203 -11.48 36.93 -68.01
N CYS F 204 -11.21 37.51 -66.85
CA CYS F 204 -10.72 36.78 -65.69
C CYS F 204 -11.74 36.61 -64.59
N ASN F 205 -11.82 35.39 -64.06
CA ASN F 205 -12.79 35.12 -63.04
C ASN F 205 -12.08 35.08 -61.71
N VAL F 206 -12.43 36.00 -60.83
CA VAL F 206 -11.75 36.13 -59.56
C VAL F 206 -12.81 35.84 -58.52
N ASN F 207 -12.56 34.88 -57.64
CA ASN F 207 -13.48 34.66 -56.54
C ASN F 207 -12.83 34.70 -55.17
N HIS F 208 -13.40 35.48 -54.27
CA HIS F 208 -12.91 35.50 -52.90
C HIS F 208 -14.04 35.08 -51.97
N LYS F 209 -13.98 33.82 -51.57
CA LYS F 209 -15.00 33.20 -50.74
C LYS F 209 -15.20 33.90 -49.39
N PRO F 210 -14.10 34.23 -48.66
CA PRO F 210 -14.29 34.84 -47.35
C PRO F 210 -15.02 36.15 -47.40
N SER F 211 -14.78 36.94 -48.43
CA SER F 211 -15.50 38.19 -48.55
C SER F 211 -16.73 37.92 -49.39
N ASN F 212 -16.86 36.69 -49.85
CA ASN F 212 -17.97 36.27 -50.67
C ASN F 212 -18.25 37.22 -51.84
N THR F 213 -17.10 37.52 -52.45
CA THR F 213 -16.87 38.43 -53.57
C THR F 213 -16.57 37.62 -54.80
N LYS F 214 -17.35 37.83 -55.85
CA LYS F 214 -17.13 37.18 -57.12
C LYS F 214 -17.07 38.19 -58.25
N VAL F 215 -15.91 38.31 -58.88
CA VAL F 215 -15.72 39.38 -59.84
C VAL F 215 -15.17 38.83 -61.17
N ASP F 216 -15.77 39.31 -62.26
CA ASP F 216 -15.33 39.00 -63.61
C ASP F 216 -14.81 40.33 -64.18
N LYS F 217 -13.64 40.33 -64.78
CA LYS F 217 -13.07 41.55 -65.35
C LYS F 217 -12.55 41.35 -66.78
N ARG F 218 -12.81 42.26 -67.72
CA ARG F 218 -12.30 41.97 -69.06
C ARG F 218 -11.06 42.80 -69.27
N VAL F 219 -10.01 42.19 -69.80
CA VAL F 219 -8.79 42.91 -70.08
C VAL F 219 -8.70 43.32 -71.57
N GLU F 220 -8.58 44.61 -71.86
CA GLU F 220 -8.44 45.08 -73.24
C GLU F 220 -7.18 45.94 -73.45
N PRO F 221 -6.50 45.78 -74.60
CA PRO F 221 -5.39 46.67 -74.92
C PRO F 221 -5.81 48.13 -75.03
N ASP G 1 40.10 10.46 -9.34
CA ASP G 1 38.89 10.67 -10.12
C ASP G 1 37.75 9.81 -9.56
N THR G 2 36.56 10.39 -9.45
CA THR G 2 35.42 9.71 -8.85
C THR G 2 34.18 9.80 -9.77
N ILE G 3 33.24 8.89 -9.54
CA ILE G 3 31.90 8.95 -10.12
C ILE G 3 30.83 8.56 -9.09
N CYS G 4 29.68 9.23 -9.15
CA CYS G 4 28.61 8.99 -8.19
C CYS G 4 27.32 8.57 -8.89
N ILE G 5 26.52 7.75 -8.21
CA ILE G 5 25.22 7.33 -8.72
C ILE G 5 24.14 8.02 -7.89
N GLY G 6 23.14 8.60 -8.55
CA GLY G 6 22.18 9.43 -7.83
C GLY G 6 20.78 9.43 -8.41
N TYR G 7 19.88 10.11 -7.72
CA TYR G 7 18.51 10.21 -8.20
C TYR G 7 18.07 11.67 -8.21
N HIS G 8 16.99 11.94 -8.94
CA HIS G 8 16.50 13.29 -9.14
C HIS G 8 15.86 13.96 -7.93
N ALA G 9 16.04 15.27 -7.83
CA ALA G 9 15.27 16.07 -6.88
C ALA G 9 14.93 17.43 -7.49
N ASN G 10 13.90 18.08 -6.96
CA ASN G 10 13.50 19.42 -7.37
C ASN G 10 12.75 20.17 -6.26
N ASN G 11 12.14 21.30 -6.59
CA ASN G 11 11.43 22.11 -5.59
C ASN G 11 9.93 21.88 -5.65
N SER G 12 9.55 20.77 -6.26
CA SER G 12 8.15 20.41 -6.37
C SER G 12 7.63 20.27 -4.95
N THR G 13 6.46 20.84 -4.71
CA THR G 13 5.81 20.75 -3.42
C THR G 13 4.66 19.77 -3.43
N ASP G 14 4.50 19.05 -4.53
CA ASP G 14 3.40 18.10 -4.69
C ASP G 14 3.52 16.95 -3.70
N THR G 15 2.39 16.50 -3.14
CA THR G 15 2.42 15.36 -2.23
C THR G 15 1.29 14.37 -2.54
N VAL G 16 1.59 13.11 -2.23
CA VAL G 16 0.70 11.97 -2.38
C VAL G 16 0.75 11.08 -1.14
N ASP G 17 -0.20 10.15 -1.05
CA ASP G 17 -0.23 9.18 0.03
C ASP G 17 0.09 7.82 -0.57
N THR G 18 0.75 6.99 0.22
CA THR G 18 1.06 5.60 -0.13
C THR G 18 0.46 4.68 0.92
N VAL G 19 0.60 3.36 0.69
CA VAL G 19 0.07 2.41 1.65
C VAL G 19 0.72 2.59 3.01
N LEU G 20 2.05 2.57 3.02
CA LEU G 20 2.84 2.65 4.23
C LEU G 20 2.93 4.05 4.85
N GLU G 21 2.98 5.06 3.99
CA GLU G 21 3.15 6.44 4.40
C GLU G 21 2.16 7.43 3.78
N LYS G 22 1.98 8.57 4.47
CA LYS G 22 0.97 9.54 4.08
C LYS G 22 1.71 10.89 3.87
N ASN G 23 1.27 11.67 2.88
CA ASN G 23 1.90 12.97 2.54
C ASN G 23 3.40 12.90 2.26
N VAL G 24 3.83 11.96 1.43
CA VAL G 24 5.20 11.95 0.96
C VAL G 24 5.37 12.97 -0.16
N THR G 25 6.41 13.80 -0.10
CA THR G 25 6.63 14.74 -1.20
C THR G 25 7.42 14.06 -2.32
N VAL G 26 6.94 14.22 -3.55
CA VAL G 26 7.54 13.63 -4.74
C VAL G 26 7.81 14.68 -5.81
N THR G 27 8.73 14.40 -6.73
CA THR G 27 9.07 15.38 -7.76
C THR G 27 7.94 15.68 -8.74
N HIS G 28 7.13 14.69 -9.10
CA HIS G 28 5.98 14.96 -9.95
C HIS G 28 4.79 14.03 -9.72
N SER G 29 3.58 14.57 -9.85
CA SER G 29 2.39 13.76 -9.68
C SER G 29 1.26 14.28 -10.59
N VAL G 30 0.34 13.39 -10.92
CA VAL G 30 -0.84 13.74 -11.74
C VAL G 30 -2.19 13.62 -11.04
N ASN G 31 -3.12 14.51 -11.39
CA ASN G 31 -4.45 14.54 -10.77
C ASN G 31 -5.50 13.97 -11.72
N LEU G 32 -6.16 12.89 -11.30
CA LEU G 32 -7.14 12.21 -12.14
C LEU G 32 -8.55 12.79 -12.02
N LEU G 33 -8.65 14.01 -11.51
CA LEU G 33 -9.95 14.57 -11.13
C LEU G 33 -10.30 15.65 -12.13
N GLU G 34 -10.97 15.23 -13.19
CA GLU G 34 -11.33 16.10 -14.28
C GLU G 34 -12.58 15.63 -15.05
N CYS G 43 -14.25 15.17 -6.33
CA CYS G 43 -15.10 14.27 -5.55
C CYS G 43 -14.44 13.90 -4.21
N SER G 44 -13.62 12.86 -4.25
CA SER G 44 -12.90 12.32 -3.07
C SER G 44 -11.78 13.28 -2.73
N ALA G 45 -11.62 14.27 -3.62
CA ALA G 45 -10.75 15.41 -3.40
C ALA G 45 -9.27 15.15 -3.64
N LYS G 46 -8.72 14.04 -3.18
CA LYS G 46 -7.33 13.91 -3.50
C LYS G 46 -7.24 12.56 -4.22
N LEU G 47 -6.85 12.53 -5.49
CA LEU G 47 -6.68 11.27 -6.21
C LEU G 47 -5.37 11.38 -6.95
N ARG G 48 -4.35 11.78 -6.21
CA ARG G 48 -3.02 11.93 -6.76
C ARG G 48 -2.26 10.62 -6.91
N MET G 49 -1.69 10.41 -8.10
CA MET G 49 -0.88 9.24 -8.41
C MET G 49 0.58 9.61 -8.69
N VAL G 50 1.53 8.95 -8.04
CA VAL G 50 2.93 9.34 -8.23
C VAL G 50 3.42 8.87 -9.59
N THR G 51 4.22 9.71 -10.25
CA THR G 51 4.98 9.30 -11.42
C THR G 51 6.47 9.52 -11.17
N GLY G 52 6.78 10.60 -10.47
CA GLY G 52 8.16 10.98 -10.22
C GLY G 52 8.68 10.11 -9.09
N LEU G 53 9.85 10.44 -8.56
CA LEU G 53 10.35 9.62 -7.48
C LEU G 53 10.30 10.45 -6.22
N ARG G 54 10.61 9.81 -5.09
CA ARG G 54 10.57 10.49 -3.79
C ARG G 54 11.45 11.72 -3.75
N ASN G 55 10.92 12.83 -3.25
CA ASN G 55 11.67 14.07 -3.29
C ASN G 55 12.48 14.23 -1.97
N LYS G 56 13.82 14.11 -2.04
CA LYS G 56 14.71 14.18 -0.87
C LYS G 56 15.87 15.03 -1.44
N PRO G 57 15.68 16.36 -1.47
CA PRO G 57 16.82 17.17 -1.91
C PRO G 57 17.98 17.06 -0.94
N SER G 58 19.18 17.16 -1.50
CA SER G 58 20.42 16.97 -0.78
C SER G 58 20.52 17.98 0.34
N LYS G 59 20.89 19.21 -0.03
CA LYS G 59 20.88 20.37 0.86
C LYS G 59 21.37 21.58 0.07
N GLN G 60 22.25 22.37 0.69
CA GLN G 60 22.96 23.46 0.04
C GLN G 60 22.05 24.60 -0.42
N GLY H 4 28.17 20.31 2.19
CA GLY H 4 28.66 21.02 1.03
C GLY H 4 29.68 20.24 0.22
N ALA H 5 29.39 18.95 0.01
CA ALA H 5 30.23 18.08 -0.80
C ALA H 5 29.55 17.77 -2.12
N ILE H 6 29.78 16.57 -2.64
CA ILE H 6 29.03 16.10 -3.80
C ILE H 6 27.77 15.42 -3.27
N ALA H 7 27.63 14.13 -3.53
CA ALA H 7 26.53 13.33 -2.98
C ALA H 7 26.68 11.86 -3.34
N GLY H 8 25.79 11.37 -4.19
CA GLY H 8 25.58 9.95 -4.22
C GLY H 8 24.21 9.77 -3.62
N PHE H 9 23.51 8.71 -4.00
CA PHE H 9 22.11 8.55 -3.61
C PHE H 9 21.70 8.41 -2.12
N THR H 10 22.61 7.97 -1.26
CA THR H 10 22.32 7.83 0.16
C THR H 10 21.97 9.11 0.89
N GLU H 11 22.77 10.11 0.62
CA GLU H 11 22.74 11.41 1.26
C GLU H 11 21.60 12.31 0.78
N GLY H 12 21.14 12.09 -0.43
CA GLY H 12 19.95 12.79 -0.89
C GLY H 12 19.74 12.81 -2.38
N GLY H 13 18.66 13.46 -2.78
CA GLY H 13 18.31 13.63 -4.18
C GLY H 13 19.12 14.73 -4.79
N TRP H 14 19.24 14.69 -6.12
CA TRP H 14 20.04 15.68 -6.79
C TRP H 14 19.13 16.71 -7.41
N THR H 15 19.27 17.95 -6.95
CA THR H 15 18.62 19.06 -7.60
C THR H 15 19.41 19.44 -8.86
N GLY H 16 20.69 19.09 -8.89
CA GLY H 16 21.53 19.34 -10.03
C GLY H 16 21.19 18.61 -11.31
N MET H 17 20.62 17.41 -11.18
CA MET H 17 20.23 16.63 -12.34
C MET H 17 18.79 16.86 -12.77
N VAL H 18 18.61 17.36 -13.98
CA VAL H 18 17.31 17.77 -14.45
C VAL H 18 16.87 16.92 -15.64
N ASP H 19 17.83 16.33 -16.33
CA ASP H 19 17.54 15.67 -17.59
C ASP H 19 17.21 14.19 -17.43
N GLY H 20 16.99 13.76 -16.19
CA GLY H 20 16.68 12.37 -15.92
C GLY H 20 16.14 12.16 -14.51
N TRP H 21 15.55 10.98 -14.29
CA TRP H 21 15.16 10.56 -12.94
C TRP H 21 16.32 9.98 -12.16
N TYR H 22 17.11 9.16 -12.85
CA TYR H 22 18.26 8.50 -12.24
C TYR H 22 19.49 8.87 -13.05
N GLY H 23 20.61 9.08 -12.38
CA GLY H 23 21.77 9.66 -13.03
C GLY H 23 23.12 9.46 -12.39
N TYR H 24 24.13 10.13 -12.96
CA TYR H 24 25.48 10.05 -12.43
C TYR H 24 26.01 11.44 -12.11
N HIS H 25 26.90 11.56 -11.13
CA HIS H 25 27.71 12.76 -11.06
C HIS H 25 29.18 12.40 -10.97
N HIS H 26 29.97 13.00 -11.85
CA HIS H 26 31.37 12.66 -11.99
C HIS H 26 32.28 13.87 -11.75
N GLN H 27 33.44 13.59 -11.16
CA GLN H 27 34.49 14.59 -10.96
C GLN H 27 35.85 14.02 -11.35
N ASN H 28 36.59 14.77 -12.16
CA ASN H 28 37.93 14.38 -12.60
C ASN H 28 38.83 15.57 -12.91
N GLU H 29 40.01 15.27 -13.42
CA GLU H 29 41.02 16.27 -13.70
C GLU H 29 40.50 17.31 -14.67
N GLN H 30 39.63 16.86 -15.57
CA GLN H 30 38.96 17.72 -16.53
C GLN H 30 37.85 18.64 -16.02
N GLY H 31 37.03 18.17 -15.10
CA GLY H 31 35.94 18.97 -14.57
C GLY H 31 34.92 18.17 -13.77
N SER H 32 33.81 18.80 -13.42
CA SER H 32 32.69 18.13 -12.76
C SER H 32 31.36 18.53 -13.41
N GLY H 33 30.45 17.57 -13.53
CA GLY H 33 29.15 17.84 -14.12
C GLY H 33 28.17 16.71 -13.84
N TYR H 34 26.89 17.02 -13.95
CA TYR H 34 25.82 16.03 -13.83
C TYR H 34 25.36 15.42 -15.15
N ALA H 35 25.04 14.13 -15.17
CA ALA H 35 24.41 13.61 -16.38
C ALA H 35 23.34 12.61 -16.02
N ALA H 36 22.27 12.61 -16.82
CA ALA H 36 21.17 11.67 -16.70
C ALA H 36 21.38 10.37 -17.46
N ASP H 37 20.89 9.26 -16.94
CA ASP H 37 20.91 8.03 -17.73
C ASP H 37 19.62 7.91 -18.54
N GLN H 38 19.69 8.11 -19.85
CA GLN H 38 18.52 8.15 -20.71
C GLN H 38 17.88 6.77 -20.72
N LYS H 39 18.72 5.73 -20.70
CA LYS H 39 18.28 4.35 -20.85
C LYS H 39 17.36 3.87 -19.74
N SER H 40 17.87 3.93 -18.51
CA SER H 40 17.16 3.43 -17.35
C SER H 40 15.93 4.27 -17.06
N THR H 41 16.04 5.56 -17.34
CA THR H 41 14.94 6.49 -17.17
C THR H 41 13.83 6.25 -18.18
N GLN H 42 14.19 6.03 -19.44
CA GLN H 42 13.19 5.83 -20.48
C GLN H 42 12.45 4.54 -20.20
N ASN H 43 13.17 3.50 -19.82
CA ASN H 43 12.55 2.22 -19.48
C ASN H 43 11.62 2.41 -18.28
N ALA H 44 12.08 3.15 -17.29
CA ALA H 44 11.26 3.40 -16.11
C ALA H 44 9.97 4.16 -16.46
N ILE H 45 10.11 5.20 -17.29
CA ILE H 45 9.00 6.04 -17.71
C ILE H 45 7.99 5.25 -18.53
N ASN H 46 8.52 4.39 -19.39
CA ASN H 46 7.70 3.53 -20.22
C ASN H 46 6.88 2.66 -19.27
N GLY H 47 7.52 2.20 -18.20
CA GLY H 47 6.85 1.33 -17.26
C GLY H 47 5.81 2.12 -16.48
N ILE H 48 6.17 3.31 -15.98
CA ILE H 48 5.23 4.12 -15.20
C ILE H 48 3.99 4.46 -16.04
N THR H 49 4.25 4.84 -17.29
CA THR H 49 3.21 5.20 -18.25
C THR H 49 2.21 4.06 -18.45
N ASN H 50 2.75 2.85 -18.44
CA ASN H 50 1.95 1.64 -18.64
C ASN H 50 0.95 1.48 -17.50
N LYS H 51 1.44 1.56 -16.26
CA LYS H 51 0.59 1.38 -15.06
C LYS H 51 -0.50 2.46 -15.05
N VAL H 52 -0.12 3.70 -15.37
CA VAL H 52 -1.06 4.82 -15.28
C VAL H 52 -2.21 4.68 -16.28
N ASN H 53 -1.87 4.36 -17.54
CA ASN H 53 -2.89 4.24 -18.58
C ASN H 53 -3.86 3.12 -18.21
N SER H 54 -3.30 2.05 -17.66
CA SER H 54 -4.07 0.89 -17.27
C SER H 54 -5.00 1.21 -16.11
N VAL H 55 -4.50 1.93 -15.11
CA VAL H 55 -5.34 2.26 -13.97
C VAL H 55 -6.56 3.08 -14.41
N ILE H 56 -6.31 4.07 -15.27
CA ILE H 56 -7.34 4.94 -15.84
C ILE H 56 -8.41 4.21 -16.66
N GLU H 57 -7.97 3.23 -17.45
CA GLU H 57 -8.83 2.39 -18.29
C GLU H 57 -9.95 1.69 -17.52
N LYS H 58 -9.65 1.28 -16.31
CA LYS H 58 -10.59 0.62 -15.42
C LYS H 58 -11.77 1.57 -15.18
N MET H 59 -11.52 2.88 -15.21
CA MET H 59 -12.60 3.84 -15.01
C MET H 59 -13.57 3.99 -16.20
N ASN H 60 -14.16 2.86 -16.59
CA ASN H 60 -15.57 2.77 -16.98
C ASN H 60 -16.13 1.50 -16.34
N THR H 61 -17.02 1.65 -15.35
CA THR H 61 -17.38 0.52 -14.48
C THR H 61 -18.79 0.57 -13.83
N GLN H 62 -19.70 1.30 -14.47
CA GLN H 62 -21.16 1.05 -14.46
C GLN H 62 -22.02 1.72 -15.55
N TYR H 63 -23.31 1.81 -15.21
CA TYR H 63 -24.36 2.54 -15.93
C TYR H 63 -24.77 3.95 -15.44
N THR H 64 -24.19 4.96 -16.08
CA THR H 64 -24.44 6.38 -15.81
C THR H 64 -24.44 7.22 -17.08
N ILE H 83 -30.58 8.88 -2.90
CA ILE H 83 -30.05 7.84 -2.03
C ILE H 83 -29.36 6.52 -2.58
N GLU H 84 -29.98 5.62 -3.35
CA GLU H 84 -29.14 4.50 -3.83
C GLU H 84 -27.92 4.96 -4.70
N GLU H 85 -28.10 5.95 -5.58
CA GLU H 85 -27.02 6.30 -6.50
C GLU H 85 -25.83 6.99 -5.79
N ILE H 86 -26.11 7.94 -4.90
CA ILE H 86 -25.05 8.61 -4.11
C ILE H 86 -24.21 7.63 -3.29
N GLU H 87 -24.85 6.66 -2.64
CA GLU H 87 -24.11 5.68 -1.85
C GLU H 87 -23.21 4.83 -2.75
N SER H 88 -23.73 4.46 -3.93
CA SER H 88 -22.98 3.71 -4.95
C SER H 88 -21.70 4.42 -5.43
N LYS H 89 -21.79 5.72 -5.65
CA LYS H 89 -20.65 6.55 -6.08
C LYS H 89 -19.58 6.52 -5.00
N GLN H 90 -19.99 6.65 -3.76
CA GLN H 90 -19.09 6.67 -2.63
C GLN H 90 -18.26 5.36 -2.60
N ILE H 91 -18.87 4.25 -3.00
CA ILE H 91 -18.15 2.97 -3.09
C ILE H 91 -17.07 2.99 -4.19
N TRP H 92 -17.40 3.59 -5.33
CA TRP H 92 -16.56 3.58 -6.54
C TRP H 92 -15.30 4.41 -6.32
N CYS H 93 -15.52 5.54 -5.65
CA CYS H 93 -14.47 6.47 -5.26
C CYS H 93 -13.44 5.75 -4.38
N TYR H 94 -13.97 4.88 -3.54
CA TYR H 94 -13.19 4.04 -2.63
C TYR H 94 -12.32 3.16 -3.50
N ASN H 95 -13.00 2.44 -4.39
CA ASN H 95 -12.38 1.52 -5.33
C ASN H 95 -11.18 2.15 -6.01
N ALA H 96 -11.31 3.44 -6.31
CA ALA H 96 -10.23 4.23 -6.87
C ALA H 96 -9.10 4.50 -5.88
N GLU H 97 -9.44 5.17 -4.79
CA GLU H 97 -8.44 5.58 -3.82
C GLU H 97 -7.66 4.40 -3.25
N LEU H 98 -8.22 3.20 -3.28
CA LEU H 98 -7.44 2.03 -2.87
C LEU H 98 -6.38 1.79 -3.94
N LEU H 99 -6.86 1.71 -5.19
CA LEU H 99 -6.02 1.54 -6.39
C LEU H 99 -4.88 2.54 -6.51
N VAL H 100 -5.16 3.77 -6.10
CA VAL H 100 -4.17 4.82 -6.13
C VAL H 100 -3.03 4.43 -5.22
N LEU H 101 -3.39 4.03 -4.02
CA LEU H 101 -2.44 3.62 -2.98
C LEU H 101 -1.58 2.41 -3.34
N LEU H 102 -2.18 1.41 -3.99
CA LEU H 102 -1.45 0.20 -4.34
C LEU H 102 -0.35 0.53 -5.31
N GLU H 103 -0.76 1.14 -6.41
CA GLU H 103 0.17 1.48 -7.46
C GLU H 103 1.18 2.52 -6.96
N ASN H 104 0.78 3.46 -6.10
CA ASN H 104 1.76 4.38 -5.51
C ASN H 104 2.88 3.68 -4.73
N GLU H 105 2.54 2.68 -3.94
CA GLU H 105 3.54 1.89 -3.22
C GLU H 105 4.50 1.23 -4.18
N ARG H 106 3.91 0.56 -5.16
CA ARG H 106 4.65 -0.22 -6.12
C ARG H 106 5.51 0.80 -6.87
N THR H 107 4.99 2.01 -7.07
CA THR H 107 5.69 3.02 -7.85
C THR H 107 7.01 3.54 -7.25
N LEU H 108 6.96 3.99 -5.98
CA LEU H 108 8.18 4.48 -5.33
C LEU H 108 9.19 3.41 -5.08
N ASP H 109 8.67 2.21 -4.87
CA ASP H 109 9.49 1.04 -4.69
C ASP H 109 10.12 0.70 -6.03
N PHE H 110 9.41 1.00 -7.11
CA PHE H 110 9.94 0.81 -8.45
C PHE H 110 11.15 1.72 -8.67
N HIS H 111 11.03 2.98 -8.23
CA HIS H 111 12.13 3.92 -8.40
C HIS H 111 13.35 3.49 -7.61
N ASP H 112 13.10 3.08 -6.37
CA ASP H 112 14.16 2.65 -5.48
C ASP H 112 14.85 1.40 -6.03
N SER H 113 14.06 0.47 -6.59
CA SER H 113 14.67 -0.69 -7.22
C SER H 113 15.62 -0.32 -8.36
N ASN H 114 15.18 0.56 -9.26
CA ASN H 114 15.98 0.93 -10.44
C ASN H 114 17.32 1.56 -10.10
N VAL H 115 17.28 2.41 -9.09
CA VAL H 115 18.45 3.14 -8.60
C VAL H 115 19.43 2.16 -8.01
N LYS H 116 18.90 1.15 -7.32
CA LYS H 116 19.76 0.14 -6.77
C LYS H 116 20.49 -0.51 -7.97
N ASN H 117 19.72 -0.85 -8.99
CA ASN H 117 20.20 -1.58 -10.18
C ASN H 117 21.24 -0.78 -10.95
N LEU H 118 21.10 0.54 -10.96
CA LEU H 118 21.98 1.41 -11.73
C LEU H 118 23.34 1.36 -11.07
N TYR H 119 23.33 1.42 -9.74
CA TYR H 119 24.56 1.30 -8.96
C TYR H 119 25.24 -0.05 -9.23
N GLU H 120 24.49 -1.14 -9.26
CA GLU H 120 25.14 -2.42 -9.50
C GLU H 120 25.63 -2.53 -10.95
N LYS H 121 24.98 -1.84 -11.89
CA LYS H 121 25.44 -1.91 -13.27
C LYS H 121 26.88 -1.38 -13.36
N VAL H 122 27.15 -0.34 -12.58
CA VAL H 122 28.47 0.27 -12.45
C VAL H 122 29.41 -0.56 -11.60
N LYS H 123 28.90 -0.98 -10.44
CA LYS H 123 29.66 -1.84 -9.53
C LYS H 123 30.19 -3.06 -10.20
N SER H 124 29.38 -3.58 -11.11
CA SER H 124 29.76 -4.80 -11.77
C SER H 124 30.77 -4.55 -12.89
N GLN H 125 30.72 -3.35 -13.49
CA GLN H 125 31.68 -3.01 -14.53
C GLN H 125 33.06 -2.72 -13.99
N LEU H 126 33.10 -1.93 -12.94
CA LEU H 126 34.37 -1.42 -12.43
C LEU H 126 35.11 -2.47 -11.64
N LYS H 127 34.38 -3.28 -10.88
CA LYS H 127 35.01 -4.32 -10.07
C LYS H 127 36.08 -3.68 -9.21
N ASN H 128 37.24 -4.30 -9.18
CA ASN H 128 38.30 -3.87 -8.29
C ASN H 128 39.24 -2.84 -8.89
N ASN H 129 38.82 -2.21 -9.99
CA ASN H 129 39.53 -1.04 -10.50
C ASN H 129 39.07 0.20 -9.75
N ALA H 130 38.10 0.02 -8.88
CA ALA H 130 37.61 1.12 -8.08
C ALA H 130 37.26 0.64 -6.69
N LYS H 131 37.27 1.56 -5.75
CA LYS H 131 36.95 1.26 -4.37
C LYS H 131 35.60 1.90 -4.07
N GLU H 132 34.74 1.18 -3.36
CA GLU H 132 33.47 1.75 -3.04
C GLU H 132 33.59 2.63 -1.83
N ILE H 133 33.32 3.91 -2.01
CA ILE H 133 33.33 4.80 -0.87
C ILE H 133 32.21 4.37 0.05
N GLY H 134 31.10 3.95 -0.56
CA GLY H 134 29.88 3.74 0.21
C GLY H 134 29.19 5.07 0.01
N ASN H 135 27.88 5.13 0.15
CA ASN H 135 27.06 6.34 -0.09
C ASN H 135 26.73 6.52 -1.57
N GLY H 136 27.11 5.55 -2.41
CA GLY H 136 26.72 5.62 -3.80
C GLY H 136 27.85 6.09 -4.68
N CYS H 137 29.02 6.25 -4.06
CA CYS H 137 30.20 6.68 -4.77
C CYS H 137 31.26 5.62 -5.05
N PHE H 138 32.06 5.85 -6.09
CA PHE H 138 33.16 4.95 -6.44
C PHE H 138 34.36 5.85 -6.53
N GLU H 139 35.51 5.39 -6.06
CA GLU H 139 36.71 6.16 -6.24
C GLU H 139 37.68 5.36 -7.12
N PHE H 140 38.09 5.93 -8.25
CA PHE H 140 38.93 5.20 -9.19
C PHE H 140 40.36 5.04 -8.70
N TYR H 141 40.95 3.87 -8.94
CA TYR H 141 42.35 3.67 -8.62
C TYR H 141 43.21 4.10 -9.79
N HIS H 142 42.58 4.76 -10.75
CA HIS H 142 43.28 5.25 -11.92
C HIS H 142 42.68 6.57 -12.35
N LYS H 143 43.40 7.20 -13.27
CA LYS H 143 43.00 8.45 -13.86
C LYS H 143 41.84 8.17 -14.80
N CYS H 144 40.79 8.95 -14.67
CA CYS H 144 39.63 8.77 -15.53
C CYS H 144 39.24 10.02 -16.29
N ASN H 145 39.39 9.97 -17.60
CA ASN H 145 39.15 11.17 -18.39
C ASN H 145 37.72 11.06 -18.95
N ASP H 146 37.24 12.12 -19.60
CA ASP H 146 35.85 12.18 -20.12
C ASP H 146 35.50 10.95 -20.93
N GLU H 147 36.48 10.50 -21.74
CA GLU H 147 36.31 9.35 -22.59
C GLU H 147 36.08 8.06 -21.90
N CYS H 148 36.88 7.83 -20.88
CA CYS H 148 36.75 6.66 -20.04
C CYS H 148 35.44 6.76 -19.24
N MET H 149 35.19 7.97 -18.72
CA MET H 149 33.99 8.27 -17.95
C MET H 149 32.76 7.89 -18.74
N GLU H 150 32.75 8.28 -20.00
CA GLU H 150 31.61 8.05 -20.84
C GLU H 150 31.41 6.56 -21.04
N SER H 151 32.52 5.82 -21.10
CA SER H 151 32.45 4.37 -21.32
C SER H 151 31.73 3.65 -20.17
N VAL H 152 31.98 4.07 -18.94
CA VAL H 152 31.28 3.50 -17.80
C VAL H 152 29.78 3.77 -17.92
N LYS H 153 29.46 5.04 -18.17
CA LYS H 153 28.08 5.52 -18.28
C LYS H 153 27.32 4.81 -19.36
N ASN H 154 28.05 4.48 -20.41
CA ASN H 154 27.48 3.87 -21.60
C ASN H 154 27.51 2.33 -21.57
N GLY H 155 28.02 1.77 -20.49
CA GLY H 155 27.96 0.34 -20.27
C GLY H 155 29.11 -0.36 -20.94
N THR H 156 30.10 0.42 -21.33
CA THR H 156 31.24 -0.11 -22.06
C THR H 156 32.62 0.00 -21.45
N TYR H 157 32.71 0.16 -20.13
CA TYR H 157 34.00 0.36 -19.49
C TYR H 157 34.92 -0.81 -19.82
N ASP H 158 36.17 -0.54 -20.15
CA ASP H 158 37.07 -1.63 -20.55
C ASP H 158 37.94 -1.99 -19.37
N TYR H 159 37.40 -2.84 -18.51
CA TYR H 159 38.10 -3.28 -17.31
C TYR H 159 39.54 -3.75 -17.56
N PRO H 160 39.75 -4.64 -18.55
CA PRO H 160 41.15 -5.07 -18.68
C PRO H 160 42.07 -3.93 -19.10
N LYS H 161 41.52 -2.96 -19.83
CA LYS H 161 42.36 -1.88 -20.34
C LYS H 161 43.12 -1.15 -19.21
N TYR H 162 42.48 -1.09 -18.05
CA TYR H 162 43.01 -0.31 -16.94
C TYR H 162 43.33 -1.19 -15.75
N SER H 163 43.13 -2.50 -15.90
CA SER H 163 43.11 -3.36 -14.73
C SER H 163 44.48 -3.51 -14.11
N GLU H 164 45.52 -3.43 -14.94
CA GLU H 164 46.86 -3.53 -14.41
C GLU H 164 47.20 -2.25 -13.66
N GLU H 165 46.90 -1.10 -14.27
CA GLU H 165 47.15 0.18 -13.63
C GLU H 165 46.47 0.20 -12.27
N SER H 166 45.21 -0.22 -12.23
CA SER H 166 44.46 -0.20 -10.99
C SER H 166 45.10 -1.17 -9.98
N LYS H 167 45.47 -2.37 -10.44
CA LYS H 167 46.08 -3.36 -9.54
C LYS H 167 47.25 -2.86 -8.73
N LEU H 168 48.14 -2.19 -9.46
CA LEU H 168 49.35 -1.64 -8.90
C LEU H 168 49.01 -0.57 -7.89
N ASN H 169 48.23 0.43 -8.30
CA ASN H 169 47.97 1.55 -7.40
C ASN H 169 47.22 1.03 -6.19
N ARG H 170 46.52 -0.10 -6.36
CA ARG H 170 45.72 -0.73 -5.32
C ARG H 170 46.60 -1.19 -4.17
N GLU H 171 47.90 -1.01 -4.33
CA GLU H 171 48.82 -1.36 -3.26
C GLU H 171 49.01 -0.10 -2.45
N LYS H 172 47.98 0.72 -2.55
CA LYS H 172 47.60 1.67 -1.53
C LYS H 172 46.78 0.88 -0.51
N ILE H 173 46.74 -0.44 -0.65
CA ILE H 173 46.34 -1.31 0.45
C ILE H 173 47.56 -1.36 1.35
N ASP H 174 48.69 -0.95 0.77
CA ASP H 174 49.98 -0.70 1.42
C ASP H 174 50.11 -0.92 2.91
N GLY H 175 50.31 0.17 3.65
CA GLY H 175 50.47 0.07 5.09
C GLY H 175 49.14 0.06 5.79
N ARG H 176 49.15 -0.38 7.06
CA ARG H 176 48.05 -0.19 8.02
C ARG H 176 48.20 -1.00 9.31
N SER H 177 47.53 -2.16 9.31
CA SER H 177 47.32 -2.94 10.52
C SER H 177 48.60 -3.40 11.20
#